data_8BAO
#
_entry.id   8BAO
#
_cell.length_a   155.133
_cell.length_b   109.429
_cell.length_c   63.043
_cell.angle_alpha   90.000
_cell.angle_beta   101.880
_cell.angle_gamma   90.000
#
_symmetry.space_group_name_H-M   'C 1 2 1'
#
loop_
_entity.id
_entity.type
_entity.pdbx_description
1 polymer 'DUF1887 family protein'
2 polymer 'Cyclic tetra-adenylate (cA4)'
3 non-polymer 'BROMIDE ION'
4 non-polymer GLYCEROL
5 water water
#
loop_
_entity_poly.entity_id
_entity_poly.type
_entity_poly.pdbx_seq_one_letter_code
_entity_poly.pdbx_strand_id
1 'polypeptide(L)'
;MGSSHHHHHHSSGLVPRGSHMSHVQITLVGGQAAPVYNGITYYNPDKVILVCSKQTQNEAMRIKAEFPDIAEIKVMDPVN
IAEIVSETRALADSMPDDEIYVNISGGTKSWAFYFSRIFSERSNTKIFYIDQNNTIWNFTDQTHSQANFDLNLDVQFRLY
GNSLKEYKLVSDFADDDLTIIPKIYKIRSFDKRNFGKLMNLYSENSENVFFDLDNGSYLRWDNEQQLFEINIRNRDGQSK
HEILKSTHIRRLLRNYTWLELEIARVLSGWKFAKEVRLNGIFRDKHENAKNEIDCIVNLGNKILFVECKSHITNITDIDK
FKNAVKVYGGSGCKALFTTIDPIRNDALEKCRDSNIIPFCIEKNGGINNYKSNLFEILEKEILNINP
;
A,B
2 'polyribonucleotide' AAAA C
#
# COMPACT_ATOMS: atom_id res chain seq x y z
N HIS A 20 -38.78 -27.07 1.43
CA HIS A 20 -38.82 -25.70 0.93
C HIS A 20 -37.48 -25.30 0.32
N MET A 21 -37.54 -24.37 -0.62
CA MET A 21 -36.32 -23.87 -1.23
C MET A 21 -35.38 -23.30 -0.18
N SER A 22 -34.11 -23.64 -0.31
CA SER A 22 -33.06 -23.10 0.54
C SER A 22 -32.53 -21.78 -0.03
N HIS A 23 -31.98 -20.95 0.84
CA HIS A 23 -31.31 -19.71 0.42
C HIS A 23 -29.81 -20.00 0.35
N VAL A 24 -29.26 -19.96 -0.87
CA VAL A 24 -27.87 -20.31 -1.15
C VAL A 24 -27.18 -19.08 -1.73
N GLN A 25 -26.08 -18.68 -1.11
CA GLN A 25 -25.29 -17.57 -1.62
C GLN A 25 -23.98 -18.10 -2.21
N ILE A 26 -23.76 -17.83 -3.48
CA ILE A 26 -22.46 -18.00 -4.12
C ILE A 26 -21.74 -16.65 -4.07
N THR A 27 -20.53 -16.63 -3.51
CA THR A 27 -19.84 -15.35 -3.38
C THR A 27 -18.38 -15.47 -3.81
N LEU A 28 -17.92 -14.46 -4.55
CA LEU A 28 -16.59 -14.43 -5.15
C LEU A 28 -15.59 -13.76 -4.21
N VAL A 29 -14.45 -14.42 -3.96
CA VAL A 29 -13.47 -13.94 -2.99
C VAL A 29 -12.28 -13.35 -3.75
N GLY A 30 -12.18 -12.03 -3.74
CA GLY A 30 -11.01 -11.34 -4.21
C GLY A 30 -10.08 -11.06 -3.06
N GLY A 31 -9.34 -9.95 -3.17
CA GLY A 31 -8.42 -9.55 -2.13
C GLY A 31 -9.10 -9.06 -0.85
N GLN A 32 -10.33 -8.55 -0.97
CA GLN A 32 -11.04 -7.91 0.15
C GLN A 32 -12.03 -8.89 0.79
N ALA A 33 -11.77 -9.27 2.05
CA ALA A 33 -12.68 -10.17 2.75
C ALA A 33 -13.93 -9.45 3.20
N ALA A 34 -13.82 -8.14 3.49
CA ALA A 34 -14.94 -7.36 4.03
C ALA A 34 -16.24 -7.46 3.25
N PRO A 35 -16.29 -7.22 1.93
CA PRO A 35 -17.60 -7.28 1.24
C PRO A 35 -18.16 -8.69 1.16
N VAL A 36 -17.28 -9.70 1.12
CA VAL A 36 -17.74 -11.09 1.17
C VAL A 36 -18.45 -11.34 2.49
N TYR A 37 -17.76 -11.06 3.60
CA TYR A 37 -18.35 -11.22 4.93
C TYR A 37 -19.63 -10.41 5.05
N ASN A 38 -19.59 -9.15 4.60
CA ASN A 38 -20.75 -8.28 4.76
C ASN A 38 -21.95 -8.80 3.99
N GLY A 39 -21.73 -9.41 2.83
CA GLY A 39 -22.84 -9.95 2.05
C GLY A 39 -23.47 -11.18 2.67
N ILE A 40 -22.68 -12.03 3.33
CA ILE A 40 -23.25 -13.14 4.06
C ILE A 40 -24.05 -12.65 5.26
N THR A 41 -23.47 -11.71 6.00
CA THR A 41 -24.12 -11.16 7.18
C THR A 41 -25.46 -10.52 6.85
N TYR A 42 -25.54 -9.84 5.71
CA TYR A 42 -26.79 -9.17 5.35
C TYR A 42 -27.90 -10.18 5.08
N TYR A 43 -27.65 -11.13 4.16
CA TYR A 43 -28.69 -12.01 3.69
C TYR A 43 -28.95 -13.20 4.59
N ASN A 44 -28.05 -13.50 5.54
CA ASN A 44 -28.22 -14.63 6.45
C ASN A 44 -28.54 -15.92 5.67
N PRO A 45 -27.66 -16.38 4.80
CA PRO A 45 -28.00 -17.50 3.92
C PRO A 45 -28.01 -18.83 4.65
N ASP A 46 -28.72 -19.81 4.05
CA ASP A 46 -28.68 -21.18 4.56
C ASP A 46 -27.38 -21.87 4.19
N LYS A 47 -26.76 -21.51 3.06
CA LYS A 47 -25.52 -22.12 2.62
C LYS A 47 -24.72 -21.12 1.80
N VAL A 48 -23.39 -21.15 1.95
CA VAL A 48 -22.47 -20.23 1.27
C VAL A 48 -21.48 -21.04 0.44
N ILE A 49 -21.33 -20.70 -0.83
CA ILE A 49 -20.23 -21.19 -1.66
C ILE A 49 -19.24 -20.04 -1.85
N LEU A 50 -18.04 -20.19 -1.29
CA LEU A 50 -16.95 -19.22 -1.41
C LEU A 50 -16.07 -19.60 -2.59
N VAL A 51 -16.07 -18.79 -3.64
CA VAL A 51 -15.24 -19.01 -4.83
C VAL A 51 -13.98 -18.18 -4.67
N CYS A 52 -12.83 -18.85 -4.68
CA CYS A 52 -11.56 -18.19 -4.49
C CYS A 52 -10.57 -18.76 -5.50
N SER A 53 -9.37 -18.18 -5.51
CA SER A 53 -8.27 -18.70 -6.30
C SER A 53 -7.16 -19.14 -5.36
N LYS A 54 -6.04 -19.60 -5.93
CA LYS A 54 -4.91 -19.97 -5.09
C LYS A 54 -4.35 -18.72 -4.38
N GLN A 55 -4.47 -17.55 -5.01
CA GLN A 55 -4.00 -16.33 -4.37
C GLN A 55 -4.95 -15.85 -3.26
N THR A 56 -6.26 -16.13 -3.35
CA THR A 56 -7.14 -15.63 -2.30
C THR A 56 -7.65 -16.73 -1.36
N GLN A 57 -6.99 -17.88 -1.33
CA GLN A 57 -7.53 -18.99 -0.55
C GLN A 57 -7.50 -18.71 0.95
N ASN A 58 -6.49 -17.99 1.46
CA ASN A 58 -6.44 -17.70 2.88
C ASN A 58 -7.58 -16.76 3.29
N GLU A 59 -7.84 -15.74 2.46
CA GLU A 59 -9.00 -14.89 2.70
C GLU A 59 -10.28 -15.73 2.77
N ALA A 60 -10.44 -16.67 1.82
CA ALA A 60 -11.60 -17.55 1.82
C ALA A 60 -11.67 -18.38 3.09
N MET A 61 -10.53 -18.85 3.60
CA MET A 61 -10.55 -19.66 4.81
C MET A 61 -10.89 -18.82 6.02
N ARG A 62 -10.48 -17.55 6.06
CA ARG A 62 -10.81 -16.72 7.20
C ARG A 62 -12.29 -16.39 7.19
N ILE A 63 -12.86 -16.21 6.01
CA ILE A 63 -14.30 -15.98 5.90
C ILE A 63 -15.05 -17.23 6.32
N LYS A 64 -14.63 -18.39 5.80
CA LYS A 64 -15.29 -19.64 6.18
C LYS A 64 -15.27 -19.83 7.69
N ALA A 65 -14.17 -19.42 8.34
CA ALA A 65 -14.05 -19.62 9.79
C ALA A 65 -15.06 -18.80 10.58
N GLU A 66 -15.65 -17.75 10.00
CA GLU A 66 -16.72 -16.99 10.67
C GLU A 66 -18.08 -17.63 10.48
N PHE A 67 -18.21 -18.52 9.51
CA PHE A 67 -19.45 -19.25 9.24
C PHE A 67 -19.09 -20.73 9.02
N PRO A 68 -18.53 -21.39 10.02
CA PRO A 68 -17.95 -22.73 9.78
C PRO A 68 -18.99 -23.80 9.47
N ASP A 69 -20.26 -23.60 9.82
CA ASP A 69 -21.26 -24.64 9.61
C ASP A 69 -21.98 -24.55 8.26
N ILE A 70 -21.90 -23.42 7.56
CA ILE A 70 -22.66 -23.26 6.33
C ILE A 70 -21.78 -23.01 5.10
N ALA A 71 -20.51 -22.67 5.26
CA ALA A 71 -19.70 -22.23 4.14
C ALA A 71 -18.79 -23.34 3.64
N GLU A 72 -18.57 -23.36 2.34
CA GLU A 72 -17.61 -24.27 1.73
C GLU A 72 -16.90 -23.52 0.63
N ILE A 73 -15.74 -24.04 0.23
CA ILE A 73 -14.82 -23.30 -0.63
C ILE A 73 -14.67 -24.03 -1.94
N LYS A 74 -14.69 -23.26 -3.03
CA LYS A 74 -14.38 -23.77 -4.37
C LYS A 74 -13.27 -22.92 -4.95
N VAL A 75 -12.18 -23.58 -5.38
CA VAL A 75 -10.97 -22.92 -5.87
C VAL A 75 -10.95 -22.97 -7.39
N MET A 76 -10.65 -21.83 -8.01
CA MET A 76 -10.74 -21.76 -9.46
C MET A 76 -9.76 -20.70 -9.98
N ASP A 77 -9.18 -20.96 -11.15
CA ASP A 77 -8.26 -20.02 -11.76
C ASP A 77 -8.95 -18.67 -11.99
N PRO A 78 -8.24 -17.55 -11.76
CA PRO A 78 -8.91 -16.25 -11.78
C PRO A 78 -9.22 -15.67 -13.15
N VAL A 79 -8.52 -16.08 -14.22
CA VAL A 79 -8.73 -15.45 -15.54
C VAL A 79 -8.93 -16.44 -16.67
N ASN A 80 -8.49 -17.69 -16.58
CA ASN A 80 -8.58 -18.63 -17.71
C ASN A 80 -10.04 -18.94 -18.02
N ILE A 81 -10.53 -18.44 -19.16
CA ILE A 81 -11.96 -18.54 -19.47
C ILE A 81 -12.38 -20.00 -19.62
N ALA A 82 -11.58 -20.81 -20.31
CA ALA A 82 -11.92 -22.22 -20.51
C ALA A 82 -12.21 -22.90 -19.17
N GLU A 83 -11.32 -22.71 -18.20
CA GLU A 83 -11.58 -23.30 -16.89
C GLU A 83 -12.75 -22.62 -16.19
N ILE A 84 -12.83 -21.29 -16.24
CA ILE A 84 -13.89 -20.59 -15.51
C ILE A 84 -15.26 -21.05 -15.98
N VAL A 85 -15.48 -21.03 -17.30
CA VAL A 85 -16.77 -21.44 -17.86
C VAL A 85 -17.06 -22.91 -17.51
N SER A 86 -16.08 -23.78 -17.67
CA SER A 86 -16.30 -25.21 -17.45
C SER A 86 -16.60 -25.50 -15.98
N GLU A 87 -15.85 -24.89 -15.07
CA GLU A 87 -16.05 -25.11 -13.65
C GLU A 87 -17.23 -24.35 -13.09
N THR A 88 -17.62 -23.24 -13.72
CA THR A 88 -18.83 -22.55 -13.28
C THR A 88 -20.08 -23.30 -13.73
N ARG A 89 -20.06 -23.86 -14.95
CA ARG A 89 -21.14 -24.75 -15.37
C ARG A 89 -21.23 -25.98 -14.47
N ALA A 90 -20.07 -26.54 -14.10
CA ALA A 90 -20.05 -27.69 -13.22
C ALA A 90 -20.69 -27.36 -11.87
N LEU A 91 -20.34 -26.20 -11.30
CA LEU A 91 -20.97 -25.79 -10.05
C LEU A 91 -22.48 -25.65 -10.20
N ALA A 92 -22.90 -24.95 -11.27
CA ALA A 92 -24.34 -24.76 -11.49
C ALA A 92 -25.05 -26.10 -11.66
N ASP A 93 -24.43 -27.04 -12.38
CA ASP A 93 -25.02 -28.36 -12.56
C ASP A 93 -25.22 -29.08 -11.25
N SER A 94 -24.44 -28.73 -10.23
CA SER A 94 -24.49 -29.42 -8.95
C SER A 94 -25.48 -28.77 -7.99
N MET A 95 -26.20 -27.74 -8.42
CA MET A 95 -27.06 -27.04 -7.49
C MET A 95 -28.53 -27.21 -7.83
N PRO A 96 -29.34 -27.67 -6.88
CA PRO A 96 -30.78 -27.81 -7.12
C PRO A 96 -31.45 -26.45 -7.24
N ASP A 97 -32.73 -26.49 -7.61
CA ASP A 97 -33.50 -25.27 -7.81
C ASP A 97 -33.82 -24.62 -6.46
N ASP A 98 -32.89 -23.86 -5.93
CA ASP A 98 -33.08 -23.13 -4.69
C ASP A 98 -33.17 -21.64 -5.01
N GLU A 99 -33.22 -20.83 -3.96
CA GLU A 99 -33.04 -19.38 -4.10
C GLU A 99 -31.54 -19.10 -4.11
N ILE A 100 -30.99 -18.81 -5.29
CA ILE A 100 -29.55 -18.53 -5.45
C ILE A 100 -29.33 -17.03 -5.49
N TYR A 101 -28.39 -16.56 -4.65
CA TYR A 101 -27.88 -15.19 -4.72
C TYR A 101 -26.39 -15.26 -5.00
N VAL A 102 -25.93 -14.47 -5.96
CA VAL A 102 -24.52 -14.41 -6.31
C VAL A 102 -23.99 -13.02 -5.94
N ASN A 103 -23.04 -12.97 -5.02
CA ASN A 103 -22.33 -11.71 -4.70
C ASN A 103 -21.15 -11.60 -5.65
N ILE A 104 -21.23 -10.68 -6.62
CA ILE A 104 -20.15 -10.48 -7.57
C ILE A 104 -19.26 -9.30 -7.16
N SER A 105 -19.37 -8.84 -5.91
CA SER A 105 -18.51 -7.73 -5.47
C SER A 105 -17.04 -8.09 -5.61
N GLY A 106 -16.61 -9.19 -5.01
CA GLY A 106 -15.21 -9.57 -5.06
C GLY A 106 -14.90 -10.36 -6.32
N GLY A 107 -13.65 -10.81 -6.38
CA GLY A 107 -13.17 -11.63 -7.47
C GLY A 107 -12.95 -10.83 -8.75
N THR A 108 -12.33 -11.49 -9.73
CA THR A 108 -12.00 -10.86 -11.00
C THR A 108 -13.25 -10.50 -11.79
N LYS A 109 -13.09 -9.55 -12.72
CA LYS A 109 -14.12 -9.30 -13.72
C LYS A 109 -14.46 -10.57 -14.51
N SER A 110 -13.47 -11.44 -14.72
CA SER A 110 -13.72 -12.68 -15.46
C SER A 110 -14.76 -13.54 -14.77
N TRP A 111 -14.56 -13.80 -13.47
CA TRP A 111 -15.58 -14.50 -12.69
C TRP A 111 -16.92 -13.79 -12.76
N ALA A 112 -16.93 -12.48 -12.51
CA ALA A 112 -18.21 -11.78 -12.48
C ALA A 112 -18.95 -11.90 -13.82
N PHE A 113 -18.21 -11.87 -14.93
CA PHE A 113 -18.86 -11.94 -16.25
C PHE A 113 -19.62 -13.26 -16.40
N TYR A 114 -18.99 -14.38 -16.05
CA TYR A 114 -19.58 -15.69 -16.34
C TYR A 114 -20.47 -16.21 -15.20
N PHE A 115 -20.12 -15.94 -13.94
CA PHE A 115 -21.04 -16.32 -12.86
C PHE A 115 -22.40 -15.64 -13.04
N SER A 116 -22.40 -14.33 -13.32
CA SER A 116 -23.66 -13.62 -13.45
C SER A 116 -24.47 -14.17 -14.63
N ARG A 117 -23.81 -14.54 -15.72
CA ARG A 117 -24.56 -14.99 -16.88
C ARG A 117 -25.09 -16.40 -16.70
N ILE A 118 -24.26 -17.31 -16.17
CA ILE A 118 -24.65 -18.70 -16.06
C ILE A 118 -25.73 -18.87 -15.00
N PHE A 119 -25.59 -18.19 -13.86
CA PHE A 119 -26.61 -18.35 -12.84
C PHE A 119 -27.87 -17.52 -13.11
N SER A 120 -27.79 -16.49 -13.95
CA SER A 120 -29.01 -15.80 -14.35
C SER A 120 -29.86 -16.61 -15.31
N GLU A 121 -29.42 -17.80 -15.70
CA GLU A 121 -30.27 -18.67 -16.52
C GLU A 121 -31.43 -19.22 -15.71
N ARG A 122 -31.34 -19.22 -14.39
CA ARG A 122 -32.43 -19.64 -13.52
C ARG A 122 -33.25 -18.44 -13.08
N SER A 123 -34.57 -18.66 -12.97
CA SER A 123 -35.51 -17.58 -12.66
C SER A 123 -35.47 -17.14 -11.20
N ASN A 124 -35.02 -18.00 -10.29
CA ASN A 124 -34.92 -17.66 -8.88
C ASN A 124 -33.55 -17.12 -8.47
N THR A 125 -32.74 -16.62 -9.42
CA THR A 125 -31.41 -16.12 -9.11
C THR A 125 -31.41 -14.60 -9.03
N LYS A 126 -30.72 -14.07 -8.02
CA LYS A 126 -30.42 -12.65 -7.95
C LYS A 126 -28.91 -12.46 -7.98
N ILE A 127 -28.44 -11.57 -8.85
CA ILE A 127 -27.07 -11.07 -8.82
C ILE A 127 -27.03 -9.82 -7.96
N PHE A 128 -26.09 -9.76 -7.01
CA PHE A 128 -26.00 -8.55 -6.20
C PHE A 128 -24.55 -8.13 -5.96
N TYR A 129 -24.42 -6.96 -5.36
CA TYR A 129 -23.15 -6.25 -5.19
C TYR A 129 -23.33 -5.35 -3.97
N ILE A 130 -22.34 -5.33 -3.09
CA ILE A 130 -22.37 -4.47 -1.91
C ILE A 130 -21.19 -3.50 -2.01
N ASP A 131 -21.50 -2.21 -1.93
CA ASP A 131 -20.46 -1.22 -2.15
C ASP A 131 -19.82 -0.85 -0.80
N GLN A 132 -18.79 0.00 -0.89
CA GLN A 132 -17.97 0.37 0.26
C GLN A 132 -18.76 1.20 1.27
N ASN A 133 -20.00 1.55 0.97
CA ASN A 133 -20.88 2.22 1.93
C ASN A 133 -21.86 1.25 2.58
N ASN A 134 -21.71 -0.06 2.31
CA ASN A 134 -22.66 -1.07 2.74
C ASN A 134 -24.05 -0.84 2.14
N THR A 135 -24.13 -0.32 0.92
CA THR A 135 -25.36 -0.35 0.15
C THR A 135 -25.34 -1.62 -0.68
N ILE A 136 -26.40 -2.42 -0.53
CA ILE A 136 -26.57 -3.64 -1.31
C ILE A 136 -27.34 -3.29 -2.57
N TRP A 137 -26.73 -3.48 -3.73
CA TRP A 137 -27.37 -3.23 -5.01
C TRP A 137 -27.79 -4.57 -5.61
N ASN A 138 -29.09 -4.72 -5.86
CA ASN A 138 -29.62 -5.90 -6.52
C ASN A 138 -29.57 -5.64 -8.02
N PHE A 139 -28.59 -6.23 -8.70
CA PHE A 139 -28.41 -5.92 -10.11
C PHE A 139 -29.51 -6.54 -10.97
N THR A 140 -30.11 -7.64 -10.49
CA THR A 140 -31.17 -8.30 -11.24
C THR A 140 -32.43 -7.45 -11.25
N ASP A 141 -32.87 -7.00 -10.07
CA ASP A 141 -34.09 -6.22 -9.92
C ASP A 141 -33.87 -4.71 -10.01
N GLN A 142 -32.62 -4.25 -10.10
CA GLN A 142 -32.30 -2.83 -10.13
C GLN A 142 -32.89 -2.10 -8.92
N THR A 143 -32.84 -2.74 -7.76
CA THR A 143 -33.19 -2.13 -6.49
C THR A 143 -31.95 -2.01 -5.61
N HIS A 144 -32.10 -1.29 -4.51
CA HIS A 144 -31.02 -1.21 -3.54
C HIS A 144 -31.63 -1.07 -2.15
N SER A 145 -30.85 -1.45 -1.14
CA SER A 145 -31.19 -1.23 0.26
C SER A 145 -29.90 -1.02 1.03
N GLN A 146 -30.04 -0.54 2.27
CA GLN A 146 -28.88 -0.23 3.10
C GLN A 146 -28.69 -1.32 4.15
N ALA A 147 -27.43 -1.70 4.40
CA ALA A 147 -27.13 -2.67 5.44
C ALA A 147 -27.52 -2.09 6.79
N ASN A 148 -28.25 -2.85 7.59
CA ASN A 148 -28.69 -2.40 8.92
C ASN A 148 -27.86 -3.04 10.02
N PHE A 149 -26.53 -3.04 9.84
CA PHE A 149 -25.62 -3.49 10.88
C PHE A 149 -24.35 -2.64 10.85
N ASP A 150 -23.69 -2.60 12.00
CA ASP A 150 -22.42 -1.91 12.14
C ASP A 150 -21.29 -2.93 12.19
N LEU A 151 -20.24 -2.62 11.44
CA LEU A 151 -18.95 -3.29 11.53
C LEU A 151 -18.52 -3.49 12.97
N ASN A 152 -17.92 -4.63 13.24
CA ASN A 152 -17.17 -4.85 14.48
C ASN A 152 -15.68 -4.85 14.14
N LEU A 153 -14.92 -3.99 14.81
CA LEU A 153 -13.51 -3.80 14.46
C LEU A 153 -12.70 -5.09 14.61
N ASP A 154 -12.95 -5.83 15.70
CA ASP A 154 -12.17 -7.05 15.93
C ASP A 154 -12.46 -8.12 14.88
N VAL A 155 -13.72 -8.21 14.43
CA VAL A 155 -14.08 -9.13 13.35
C VAL A 155 -13.36 -8.75 12.06
N GLN A 156 -13.35 -7.45 11.73
CA GLN A 156 -12.73 -7.03 10.47
C GLN A 156 -11.23 -7.28 10.46
N PHE A 157 -10.55 -6.95 11.54
CA PHE A 157 -9.12 -7.24 11.59
C PHE A 157 -8.85 -8.74 11.45
N ARG A 158 -9.61 -9.56 12.18
CA ARG A 158 -9.45 -11.00 12.08
C ARG A 158 -9.67 -11.48 10.64
N LEU A 159 -10.71 -10.95 9.98
CA LEU A 159 -10.95 -11.31 8.60
C LEU A 159 -9.75 -10.97 7.72
N TYR A 160 -9.05 -9.87 8.04
CA TYR A 160 -7.86 -9.43 7.31
C TYR A 160 -6.57 -10.02 7.90
N GLY A 161 -6.68 -10.93 8.86
CA GLY A 161 -5.56 -11.72 9.32
C GLY A 161 -4.93 -11.32 10.63
N ASN A 162 -5.54 -10.38 11.37
CA ASN A 162 -4.82 -9.74 12.46
C ASN A 162 -5.74 -9.54 13.67
N SER A 163 -5.12 -9.15 14.78
CA SER A 163 -5.85 -8.81 15.98
C SER A 163 -5.15 -7.66 16.67
N LEU A 164 -5.96 -6.74 17.18
CA LEU A 164 -5.48 -5.58 17.91
C LEU A 164 -5.75 -5.88 19.38
N LYS A 165 -4.87 -6.69 19.97
CA LYS A 165 -5.03 -7.12 21.36
C LYS A 165 -4.56 -6.07 22.37
N GLU A 166 -3.94 -4.98 21.90
CA GLU A 166 -3.44 -3.92 22.77
C GLU A 166 -3.88 -2.58 22.21
N TYR A 167 -4.52 -1.76 23.06
CA TYR A 167 -5.05 -0.44 22.70
C TYR A 167 -5.72 0.26 23.89
N LYS A 168 -6.10 1.52 23.70
CA LYS A 168 -6.69 2.34 24.75
C LYS A 168 -7.98 2.98 24.24
N LEU A 169 -8.86 3.30 25.18
CA LEU A 169 -10.04 4.10 24.90
C LEU A 169 -9.82 5.50 25.44
N VAL A 170 -10.59 6.47 24.93
CA VAL A 170 -10.52 7.80 25.51
C VAL A 170 -10.90 7.77 26.99
N SER A 171 -11.80 6.87 27.36
CA SER A 171 -12.22 6.74 28.76
C SER A 171 -11.17 6.07 29.63
N ASP A 172 -10.10 5.52 29.07
CA ASP A 172 -8.99 5.08 29.91
C ASP A 172 -8.21 6.26 30.48
N PHE A 173 -8.51 7.46 30.04
CA PHE A 173 -7.80 8.66 30.46
C PHE A 173 -8.71 9.49 31.36
N ALA A 174 -8.11 10.14 32.35
CA ALA A 174 -8.87 11.00 33.23
C ALA A 174 -9.24 12.30 32.52
N ASP A 175 -10.17 13.05 33.13
CA ASP A 175 -10.57 14.33 32.56
C ASP A 175 -9.47 15.37 32.61
N ASP A 176 -8.60 15.33 33.63
CA ASP A 176 -7.51 16.30 33.66
C ASP A 176 -6.45 16.00 32.60
N ASP A 177 -6.36 14.74 32.13
CA ASP A 177 -5.57 14.46 30.94
C ASP A 177 -6.13 15.18 29.72
N LEU A 178 -7.45 15.35 29.65
CA LEU A 178 -8.03 15.98 28.47
C LEU A 178 -7.89 17.49 28.52
N THR A 179 -8.09 18.10 29.70
CA THR A 179 -8.04 19.55 29.81
C THR A 179 -6.63 20.11 29.72
N ILE A 180 -5.61 19.32 30.02
CA ILE A 180 -4.22 19.80 29.93
C ILE A 180 -3.73 19.89 28.50
N ILE A 181 -4.45 19.29 27.55
CA ILE A 181 -3.97 19.22 26.18
C ILE A 181 -3.73 20.60 25.58
N PRO A 182 -4.63 21.58 25.68
CA PRO A 182 -4.32 22.90 25.12
C PRO A 182 -3.10 23.55 25.75
N LYS A 183 -2.81 23.23 27.00
CA LYS A 183 -1.65 23.83 27.66
C LYS A 183 -0.34 23.26 27.12
N ILE A 184 -0.28 21.93 26.91
CA ILE A 184 0.91 21.34 26.32
C ILE A 184 1.16 21.96 24.96
N TYR A 185 0.10 22.13 24.17
CA TYR A 185 0.19 22.65 22.81
C TYR A 185 0.70 24.09 22.80
N LYS A 186 0.14 24.93 23.69
CA LYS A 186 0.57 26.32 23.80
C LYS A 186 2.04 26.39 24.19
N ILE A 187 2.45 25.64 25.22
CA ILE A 187 3.85 25.64 25.65
C ILE A 187 4.77 25.26 24.49
N ARG A 188 4.38 24.23 23.72
CA ARG A 188 5.19 23.80 22.60
C ARG A 188 5.36 24.91 21.58
N SER A 189 4.31 25.70 21.35
CA SER A 189 4.37 26.72 20.33
C SER A 189 5.27 27.90 20.73
N PHE A 190 5.70 27.99 21.99
CA PHE A 190 6.63 29.04 22.37
C PHE A 190 7.98 28.87 21.67
N ASP A 191 8.39 27.61 21.43
CA ASP A 191 9.57 27.28 20.62
C ASP A 191 9.53 25.79 20.28
N LYS A 192 9.10 25.47 19.07
CA LYS A 192 8.81 24.08 18.73
C LYS A 192 10.08 23.21 18.80
N ARG A 193 11.21 23.73 18.29
CA ARG A 193 12.44 22.92 18.25
C ARG A 193 12.91 22.55 19.65
N ASN A 194 12.90 23.51 20.58
CA ASN A 194 13.33 23.17 21.93
C ASN A 194 12.38 22.20 22.60
N PHE A 195 11.07 22.43 22.48
CA PHE A 195 10.09 21.48 23.01
C PHE A 195 10.32 20.10 22.41
N GLY A 196 10.55 20.03 21.09
CA GLY A 196 10.72 18.74 20.44
C GLY A 196 11.93 17.99 20.94
N LYS A 197 13.03 18.70 21.17
CA LYS A 197 14.25 18.07 21.63
C LYS A 197 14.08 17.51 23.04
N LEU A 198 13.47 18.29 23.93
CA LEU A 198 13.21 17.81 25.28
C LEU A 198 12.30 16.58 25.27
N MET A 199 11.20 16.65 24.52
CA MET A 199 10.29 15.53 24.41
C MET A 199 11.01 14.27 23.92
N ASN A 200 11.91 14.42 22.94
CA ASN A 200 12.63 13.26 22.43
C ASN A 200 13.56 12.67 23.47
N LEU A 201 14.21 13.51 24.28
CA LEU A 201 15.08 13.00 25.33
C LEU A 201 14.28 12.29 26.41
N TYR A 202 13.10 12.84 26.76
CA TYR A 202 12.22 12.19 27.71
C TYR A 202 11.72 10.86 27.17
N SER A 203 11.29 10.83 25.90
CA SER A 203 10.73 9.59 25.37
C SER A 203 11.77 8.48 25.27
N GLU A 204 13.06 8.85 25.08
CA GLU A 204 14.11 7.84 24.89
C GLU A 204 14.66 7.29 26.20
N ASN A 205 14.60 8.07 27.29
CA ASN A 205 15.00 7.59 28.62
C ASN A 205 14.01 8.07 29.67
N SER A 206 12.76 7.61 29.56
CA SER A 206 11.66 8.14 30.37
C SER A 206 11.80 7.83 31.85
N GLU A 207 12.81 7.04 32.23
CA GLU A 207 13.02 6.72 33.64
C GLU A 207 13.92 7.72 34.35
N ASN A 208 14.62 8.58 33.61
CA ASN A 208 15.35 9.69 34.23
C ASN A 208 14.37 10.77 34.66
N VAL A 209 14.85 11.71 35.46
CA VAL A 209 13.98 12.70 36.07
C VAL A 209 14.28 14.11 35.59
N PHE A 210 15.38 14.33 34.88
CA PHE A 210 15.74 15.68 34.47
C PHE A 210 16.44 15.66 33.13
N PHE A 211 15.98 16.51 32.22
CA PHE A 211 16.48 16.59 30.85
C PHE A 211 16.67 18.06 30.51
N ASP A 212 17.77 18.39 29.85
CA ASP A 212 18.03 19.80 29.61
C ASP A 212 18.80 20.00 28.31
N LEU A 213 18.64 21.19 27.75
CA LEU A 213 19.40 21.62 26.58
C LEU A 213 20.42 22.67 27.02
N ASP A 214 21.36 22.98 26.13
CA ASP A 214 22.40 23.94 26.47
C ASP A 214 21.87 25.36 26.55
N ASN A 215 20.76 25.65 25.87
CA ASN A 215 20.22 26.99 25.88
C ASN A 215 19.44 27.32 27.16
N GLY A 216 19.27 26.37 28.08
CA GLY A 216 18.53 26.57 29.32
C GLY A 216 17.17 25.89 29.37
N SER A 217 16.65 25.42 28.23
CA SER A 217 15.41 24.65 28.23
C SER A 217 15.60 23.38 29.05
N TYR A 218 14.52 22.94 29.71
CA TYR A 218 14.60 21.71 30.49
C TYR A 218 13.21 21.15 30.75
N LEU A 219 13.22 19.90 31.18
CA LEU A 219 12.04 19.16 31.60
C LEU A 219 12.46 18.38 32.83
N ARG A 220 11.78 18.63 33.96
CA ARG A 220 12.07 17.98 35.23
C ARG A 220 10.83 17.27 35.74
N TRP A 221 10.99 16.04 36.21
CA TRP A 221 9.92 15.27 36.82
C TRP A 221 10.06 15.33 38.32
N ASP A 222 9.00 15.73 38.99
CA ASP A 222 8.96 15.78 40.45
C ASP A 222 8.03 14.66 40.92
N ASN A 223 8.62 13.62 41.51
CA ASN A 223 7.84 12.45 41.89
C ASN A 223 7.01 12.69 43.15
N GLU A 224 7.47 13.60 44.02
CA GLU A 224 6.69 13.96 45.19
C GLU A 224 5.37 14.61 44.79
N GLN A 225 5.45 15.71 44.02
CA GLN A 225 4.27 16.43 43.58
C GLN A 225 3.54 15.79 42.40
N GLN A 226 4.08 14.70 41.84
CA GLN A 226 3.46 14.00 40.71
C GLN A 226 3.29 14.95 39.52
N LEU A 227 4.37 15.67 39.21
CA LEU A 227 4.33 16.93 38.50
C LEU A 227 5.46 17.00 37.48
N PHE A 228 5.25 17.76 36.41
CA PHE A 228 6.30 18.09 35.45
C PHE A 228 6.55 19.58 35.48
N GLU A 229 7.80 19.97 35.72
CA GLU A 229 8.23 21.35 35.59
C GLU A 229 9.04 21.50 34.32
N ILE A 230 8.66 22.45 33.46
CA ILE A 230 9.23 22.57 32.12
C ILE A 230 9.62 24.03 31.87
N ASN A 231 10.68 24.21 31.08
CA ASN A 231 11.15 25.54 30.71
C ASN A 231 11.50 25.52 29.22
N ILE A 232 10.89 26.40 28.44
CA ILE A 232 11.20 26.51 27.02
C ILE A 232 11.82 27.87 26.77
N ARG A 233 12.96 27.88 26.08
CA ARG A 233 13.63 29.10 25.66
C ARG A 233 13.28 29.35 24.20
N ASN A 234 13.13 30.61 23.83
CA ASN A 234 12.91 30.98 22.44
C ASN A 234 14.14 31.70 21.87
N ARG A 235 14.10 32.00 20.57
CA ARG A 235 15.28 32.54 19.92
C ARG A 235 15.63 33.94 20.42
N ASP A 236 14.67 34.64 21.02
CA ASP A 236 14.93 35.97 21.55
C ASP A 236 15.44 35.95 22.98
N GLY A 237 15.68 34.77 23.55
CA GLY A 237 16.19 34.71 24.91
C GLY A 237 15.16 34.86 26.00
N GLN A 238 13.88 34.71 25.69
CA GLN A 238 12.85 34.67 26.72
C GLN A 238 12.64 33.23 27.17
N SER A 239 12.05 33.08 28.36
CA SER A 239 11.71 31.77 28.89
C SER A 239 10.21 31.66 29.14
N LYS A 240 9.66 30.49 28.83
CA LYS A 240 8.31 30.11 29.26
C LYS A 240 8.46 28.98 30.27
N HIS A 241 8.11 29.25 31.51
CA HIS A 241 8.30 28.32 32.62
C HIS A 241 6.91 27.97 33.16
N GLU A 242 6.53 26.70 33.03
CA GLU A 242 5.19 26.26 33.40
C GLU A 242 5.27 24.92 34.11
N ILE A 243 4.14 24.50 34.65
CA ILE A 243 3.98 23.17 35.23
C ILE A 243 3.01 22.39 34.36
N LEU A 244 3.11 21.06 34.44
CA LEU A 244 2.27 20.15 33.66
C LEU A 244 1.88 19.02 34.59
N LYS A 245 0.63 19.01 35.03
CA LYS A 245 0.14 18.05 36.02
C LYS A 245 -1.19 17.48 35.55
N SER A 246 -1.24 16.16 35.37
CA SER A 246 -2.46 15.43 35.03
C SER A 246 -2.24 13.98 35.40
N THR A 247 -3.37 13.26 35.59
CA THR A 247 -3.33 11.91 36.14
C THR A 247 -2.29 11.02 35.44
N HIS A 248 -2.23 11.09 34.12
CA HIS A 248 -1.31 10.28 33.33
C HIS A 248 -0.34 11.15 32.53
N ILE A 249 0.12 12.27 33.11
CA ILE A 249 0.99 13.17 32.35
C ILE A 249 2.26 12.47 31.87
N ARG A 250 2.78 11.53 32.65
CA ARG A 250 3.99 10.83 32.22
C ARG A 250 3.76 10.06 30.93
N ARG A 251 2.55 9.57 30.73
CA ARG A 251 2.24 8.86 29.50
C ARG A 251 1.97 9.84 28.36
N LEU A 252 1.34 10.97 28.67
CA LEU A 252 0.97 11.93 27.63
C LEU A 252 2.20 12.49 26.90
N LEU A 253 3.31 12.69 27.61
CA LEU A 253 4.48 13.33 27.00
C LEU A 253 5.38 12.34 26.27
N ARG A 254 5.06 11.06 26.29
CA ARG A 254 5.83 10.03 25.61
C ARG A 254 5.35 9.99 24.17
N ASN A 255 6.23 10.32 23.22
CA ASN A 255 5.96 10.13 21.79
C ASN A 255 4.66 10.81 21.37
N TYR A 256 4.41 12.00 21.92
CA TYR A 256 3.23 12.80 21.55
C TYR A 256 1.91 12.04 21.71
N THR A 257 1.82 11.14 22.71
CA THR A 257 0.54 10.50 23.03
C THR A 257 -0.57 11.53 23.26
N TRP A 258 -0.24 12.69 23.83
CA TRP A 258 -1.26 13.71 24.07
C TRP A 258 -1.93 14.16 22.79
N LEU A 259 -1.17 14.19 21.68
CA LEU A 259 -1.72 14.58 20.38
C LEU A 259 -2.68 13.53 19.84
N GLU A 260 -2.28 12.26 19.89
CA GLU A 260 -3.19 11.18 19.51
C GLU A 260 -4.44 11.17 20.38
N LEU A 261 -4.28 11.45 21.68
CA LEU A 261 -5.42 11.56 22.58
C LEU A 261 -6.37 12.67 22.12
N GLU A 262 -5.81 13.83 21.79
CA GLU A 262 -6.64 14.97 21.39
C GLU A 262 -7.49 14.62 20.17
N ILE A 263 -6.90 13.96 19.17
CA ILE A 263 -7.63 13.59 17.97
C ILE A 263 -8.68 12.53 18.30
N ALA A 264 -8.33 11.56 19.14
CA ALA A 264 -9.30 10.54 19.52
C ALA A 264 -10.48 11.14 20.27
N ARG A 265 -10.20 12.08 21.18
CA ARG A 265 -11.25 12.72 21.96
C ARG A 265 -12.23 13.46 21.05
N VAL A 266 -11.71 14.23 20.09
CA VAL A 266 -12.59 15.05 19.28
C VAL A 266 -13.36 14.18 18.29
N LEU A 267 -12.73 13.15 17.75
CA LEU A 267 -13.43 12.22 16.86
C LEU A 267 -14.49 11.42 17.61
N SER A 268 -14.24 11.15 18.90
CA SER A 268 -15.22 10.47 19.76
C SER A 268 -16.57 11.19 19.78
N GLY A 269 -16.57 12.52 19.69
CA GLY A 269 -17.82 13.25 19.72
C GLY A 269 -18.45 13.44 18.36
N TRP A 270 -17.78 12.96 17.31
CA TRP A 270 -18.23 13.15 15.95
C TRP A 270 -19.47 12.30 15.68
N LYS A 271 -20.44 12.87 14.96
CA LYS A 271 -21.71 12.18 14.77
C LYS A 271 -21.54 10.85 14.05
N PHE A 272 -20.51 10.71 13.21
CA PHE A 272 -20.31 9.51 12.42
C PHE A 272 -19.47 8.44 13.11
N ALA A 273 -18.85 8.75 14.25
CA ALA A 273 -18.03 7.79 14.97
C ALA A 273 -18.87 6.96 15.92
N LYS A 274 -18.73 5.63 15.82
CA LYS A 274 -19.42 4.71 16.71
C LYS A 274 -18.53 4.14 17.81
N GLU A 275 -17.21 4.25 17.66
CA GLU A 275 -16.24 3.66 18.57
C GLU A 275 -14.86 4.20 18.21
N VAL A 276 -14.07 4.55 19.23
CA VAL A 276 -12.73 5.08 18.98
C VAL A 276 -11.73 4.33 19.85
N ARG A 277 -10.69 3.79 19.21
CA ARG A 277 -9.58 3.18 19.92
C ARG A 277 -8.30 3.95 19.61
N LEU A 278 -7.36 3.90 20.56
CA LEU A 278 -6.19 4.76 20.53
C LEU A 278 -4.97 3.93 20.92
N ASN A 279 -3.83 4.22 20.31
CA ASN A 279 -2.56 3.55 20.60
C ASN A 279 -2.69 2.03 20.50
N GLY A 280 -3.11 1.58 19.34
CA GLY A 280 -3.18 0.16 19.08
C GLY A 280 -1.85 -0.39 18.59
N ILE A 281 -1.65 -1.69 18.81
CA ILE A 281 -0.48 -2.41 18.34
C ILE A 281 -0.93 -3.73 17.73
N PHE A 282 -0.62 -3.95 16.46
CA PHE A 282 -0.86 -5.23 15.81
C PHE A 282 0.40 -6.07 15.91
N ARG A 283 0.26 -7.31 16.38
CA ARG A 283 1.42 -8.19 16.53
C ARG A 283 1.33 -9.37 15.59
N ASP A 284 2.46 -10.05 15.41
CA ASP A 284 2.49 -11.23 14.57
C ASP A 284 2.12 -12.47 15.41
N LYS A 285 2.27 -13.66 14.81
CA LYS A 285 1.89 -14.89 15.48
C LYS A 285 2.78 -15.22 16.68
N HIS A 286 3.95 -14.57 16.80
CA HIS A 286 4.84 -14.75 17.94
C HIS A 286 4.85 -13.54 18.85
N GLU A 287 3.84 -12.68 18.75
CA GLU A 287 3.70 -11.49 19.58
C GLU A 287 4.77 -10.43 19.30
N ASN A 288 5.48 -10.51 18.15
CA ASN A 288 6.36 -9.41 17.73
C ASN A 288 5.51 -8.31 17.11
N ALA A 289 5.79 -7.08 17.51
CA ALA A 289 5.03 -5.95 16.99
C ALA A 289 5.23 -5.81 15.48
N LYS A 290 4.12 -5.62 14.76
CA LYS A 290 4.16 -5.38 13.32
C LYS A 290 3.89 -3.93 12.96
N ASN A 291 2.98 -3.27 13.67
CA ASN A 291 2.62 -1.89 13.42
C ASN A 291 1.97 -1.30 14.67
N GLU A 292 2.25 -0.02 14.90
CA GLU A 292 1.51 0.78 15.86
C GLU A 292 0.57 1.69 15.09
N ILE A 293 -0.66 1.83 15.57
CA ILE A 293 -1.65 2.70 14.96
C ILE A 293 -2.10 3.74 15.98
N ASP A 294 -2.05 5.01 15.60
CA ASP A 294 -2.37 6.05 16.56
C ASP A 294 -3.85 6.05 16.93
N CYS A 295 -4.73 6.04 15.93
CA CYS A 295 -6.15 6.17 16.22
C CYS A 295 -6.98 5.43 15.17
N ILE A 296 -8.00 4.70 15.64
CA ILE A 296 -8.88 3.93 14.76
C ILE A 296 -10.32 4.25 15.11
N VAL A 297 -11.07 4.73 14.12
CA VAL A 297 -12.45 5.12 14.31
C VAL A 297 -13.35 4.18 13.51
N ASN A 298 -14.31 3.57 14.21
CA ASN A 298 -15.32 2.72 13.60
C ASN A 298 -16.46 3.61 13.10
N LEU A 299 -16.57 3.75 11.79
CA LEU A 299 -17.64 4.53 11.17
C LEU A 299 -18.87 3.68 10.83
N GLY A 300 -18.86 2.40 11.15
CA GLY A 300 -20.06 1.58 10.95
C GLY A 300 -20.06 0.83 9.66
N ASN A 301 -19.87 1.53 8.55
CA ASN A 301 -19.73 0.92 7.23
C ASN A 301 -18.32 1.01 6.69
N LYS A 302 -17.36 1.46 7.49
CA LYS A 302 -15.95 1.47 7.09
C LYS A 302 -15.14 1.94 8.29
N ILE A 303 -13.81 1.78 8.19
CA ILE A 303 -12.88 2.13 9.25
C ILE A 303 -12.09 3.37 8.83
N LEU A 304 -11.92 4.30 9.76
CA LEU A 304 -11.06 5.46 9.59
C LEU A 304 -9.79 5.24 10.40
N PHE A 305 -8.64 5.16 9.72
CA PHE A 305 -7.34 5.12 10.39
C PHE A 305 -6.75 6.52 10.45
N VAL A 306 -6.01 6.79 11.53
CA VAL A 306 -5.43 8.10 11.78
C VAL A 306 -3.97 7.94 12.20
N GLU A 307 -3.07 8.64 11.52
CA GLU A 307 -1.69 8.83 11.98
C GLU A 307 -1.54 10.26 12.48
N CYS A 308 -0.82 10.42 13.58
CA CYS A 308 -0.70 11.69 14.27
C CYS A 308 0.78 11.99 14.50
N LYS A 309 1.20 13.20 14.14
CA LYS A 309 2.56 13.62 14.39
C LYS A 309 2.57 15.10 14.74
N SER A 310 3.59 15.52 15.49
CA SER A 310 3.80 16.96 15.71
C SER A 310 4.11 17.66 14.39
N HIS A 311 5.01 17.08 13.61
CA HIS A 311 5.34 17.53 12.27
C HIS A 311 5.92 16.34 11.53
N ILE A 312 5.96 16.41 10.22
CA ILE A 312 6.54 15.33 9.44
C ILE A 312 8.02 15.61 9.25
N THR A 313 8.86 14.63 9.58
CA THR A 313 10.27 14.65 9.25
C THR A 313 10.63 13.69 8.12
N ASN A 314 10.25 12.41 8.23
CA ASN A 314 10.48 11.41 7.19
C ASN A 314 9.20 11.27 6.38
N ILE A 315 9.19 11.81 5.15
CA ILE A 315 7.95 11.79 4.39
C ILE A 315 7.57 10.38 3.95
N THR A 316 8.46 9.40 4.04
CA THR A 316 8.03 8.05 3.68
C THR A 316 7.21 7.39 4.78
N ASP A 317 7.14 8.00 5.96
CA ASP A 317 6.12 7.59 6.93
C ASP A 317 4.73 7.58 6.30
N ILE A 318 4.48 8.44 5.31
CA ILE A 318 3.20 8.43 4.59
C ILE A 318 3.00 7.09 3.88
N ASP A 319 4.08 6.53 3.33
CA ASP A 319 3.98 5.24 2.65
C ASP A 319 3.69 4.12 3.65
N LYS A 320 4.39 4.10 4.78
CA LYS A 320 4.15 3.11 5.81
C LYS A 320 2.69 3.14 6.21
N PHE A 321 2.18 4.34 6.50
CA PHE A 321 0.82 4.51 6.98
C PHE A 321 -0.17 3.92 5.99
N LYS A 322 -0.12 4.34 4.73
CA LYS A 322 -1.09 3.87 3.76
C LYS A 322 -1.04 2.35 3.62
N ASN A 323 0.14 1.74 3.71
CA ASN A 323 0.17 0.29 3.55
C ASN A 323 -0.45 -0.41 4.76
N ALA A 324 -0.20 0.10 5.97
CA ALA A 324 -0.85 -0.46 7.14
C ALA A 324 -2.36 -0.44 7.00
N VAL A 325 -2.89 0.67 6.49
CA VAL A 325 -4.34 0.81 6.36
C VAL A 325 -4.89 -0.28 5.43
N LYS A 326 -4.24 -0.49 4.29
CA LYS A 326 -4.69 -1.50 3.34
C LYS A 326 -4.55 -2.89 3.93
N VAL A 327 -3.52 -3.11 4.75
CA VAL A 327 -3.24 -4.44 5.29
C VAL A 327 -4.26 -4.81 6.36
N TYR A 328 -4.53 -3.89 7.28
CA TYR A 328 -5.37 -4.22 8.44
C TYR A 328 -6.86 -4.05 8.18
N GLY A 329 -7.26 -3.09 7.36
CA GLY A 329 -8.67 -2.82 7.18
C GLY A 329 -9.17 -3.02 5.76
N GLY A 330 -8.24 -3.01 4.81
CA GLY A 330 -8.57 -3.22 3.43
C GLY A 330 -8.72 -1.94 2.66
N SER A 331 -9.24 -2.09 1.45
CA SER A 331 -9.28 -1.01 0.47
C SER A 331 -10.48 -0.08 0.65
N GLY A 332 -11.30 -0.31 1.66
CA GLY A 332 -12.51 0.48 1.82
C GLY A 332 -12.33 1.57 2.84
N CYS A 333 -11.21 1.54 3.55
CA CYS A 333 -10.96 2.42 4.65
C CYS A 333 -10.64 3.83 4.19
N LYS A 334 -10.74 4.76 5.13
CA LYS A 334 -10.26 6.12 4.97
C LYS A 334 -9.05 6.32 5.85
N ALA A 335 -8.16 7.22 5.42
CA ALA A 335 -6.85 7.40 6.06
C ALA A 335 -6.65 8.89 6.30
N LEU A 336 -6.45 9.25 7.55
CA LEU A 336 -6.26 10.64 7.94
C LEU A 336 -4.87 10.81 8.56
N PHE A 337 -4.14 11.83 8.12
CA PHE A 337 -2.82 12.14 8.66
C PHE A 337 -2.89 13.54 9.26
N THR A 338 -2.88 13.63 10.60
CA THR A 338 -2.94 14.91 11.27
C THR A 338 -1.58 15.37 11.79
N THR A 339 -1.31 16.67 11.66
CA THR A 339 -0.14 17.32 12.22
C THR A 339 -0.54 18.60 12.94
N ILE A 340 0.30 19.02 13.90
CA ILE A 340 0.25 20.41 14.37
C ILE A 340 0.73 21.35 13.28
N ASP A 341 1.91 21.09 12.74
CA ASP A 341 2.65 22.07 11.94
C ASP A 341 2.26 21.96 10.45
N PRO A 342 2.45 23.06 9.72
CA PRO A 342 2.27 23.03 8.27
C PRO A 342 3.05 21.89 7.62
N ILE A 343 2.40 21.24 6.66
CA ILE A 343 2.95 20.07 5.98
C ILE A 343 3.64 20.54 4.69
N ARG A 344 4.84 20.05 4.45
CA ARG A 344 5.59 20.50 3.27
C ARG A 344 5.04 19.87 1.99
N ASN A 345 5.36 20.52 0.85
CA ASN A 345 4.77 20.13 -0.42
C ASN A 345 5.12 18.71 -0.83
N ASP A 346 6.32 18.24 -0.49
CA ASP A 346 6.67 16.87 -0.85
C ASP A 346 5.80 15.89 -0.10
N ALA A 347 5.53 16.16 1.18
CA ALA A 347 4.61 15.33 1.96
C ALA A 347 3.17 15.43 1.45
N LEU A 348 2.73 16.63 1.06
CA LEU A 348 1.38 16.78 0.53
C LEU A 348 1.18 15.99 -0.76
N GLU A 349 2.13 16.09 -1.69
CA GLU A 349 2.03 15.33 -2.93
C GLU A 349 1.98 13.84 -2.63
N LYS A 350 2.79 13.39 -1.68
CA LYS A 350 2.74 11.98 -1.30
C LYS A 350 1.37 11.61 -0.70
N CYS A 351 0.74 12.55 0.00
CA CYS A 351 -0.60 12.30 0.52
C CYS A 351 -1.61 12.13 -0.63
N ARG A 352 -1.50 12.95 -1.68
CA ARG A 352 -2.37 12.78 -2.83
C ARG A 352 -2.07 11.48 -3.55
N ASP A 353 -0.77 11.15 -3.70
CA ASP A 353 -0.37 9.88 -4.31
C ASP A 353 -1.08 8.70 -3.67
N SER A 354 -1.22 8.73 -2.34
CA SER A 354 -1.77 7.61 -1.56
C SER A 354 -3.19 7.81 -1.11
N ASN A 355 -3.90 8.83 -1.57
CA ASN A 355 -5.31 9.03 -1.18
C ASN A 355 -5.41 9.13 0.35
N ILE A 356 -4.53 9.94 0.94
CA ILE A 356 -4.53 10.18 2.38
C ILE A 356 -5.06 11.60 2.61
N ILE A 357 -5.96 11.74 3.57
CA ILE A 357 -6.51 13.05 3.94
C ILE A 357 -5.49 13.76 4.82
N PRO A 358 -4.88 14.84 4.37
CA PRO A 358 -3.99 15.60 5.23
C PRO A 358 -4.78 16.63 6.03
N PHE A 359 -4.34 16.86 7.27
CA PHE A 359 -4.96 17.87 8.12
C PHE A 359 -3.91 18.50 9.03
N CYS A 360 -3.80 19.80 8.97
CA CYS A 360 -2.84 20.54 9.78
C CYS A 360 -3.64 21.36 10.79
N ILE A 361 -3.39 21.15 12.08
CA ILE A 361 -4.24 21.76 13.11
C ILE A 361 -4.02 23.28 13.16
N GLU A 362 -2.75 23.71 13.12
CA GLU A 362 -2.45 25.12 13.28
C GLU A 362 -2.97 25.95 12.10
N LYS A 363 -3.13 25.34 10.93
CA LYS A 363 -3.65 26.06 9.77
C LYS A 363 -5.16 25.94 9.65
N ASN A 364 -5.83 25.28 10.60
CA ASN A 364 -7.27 25.06 10.52
C ASN A 364 -7.99 25.48 11.79
N GLY A 365 -7.47 26.50 12.49
CA GLY A 365 -8.14 27.09 13.63
C GLY A 365 -7.40 26.97 14.94
N GLY A 366 -6.39 26.10 15.01
CA GLY A 366 -5.64 25.90 16.24
C GLY A 366 -6.28 24.89 17.16
N ILE A 367 -5.60 24.68 18.30
CA ILE A 367 -5.94 23.55 19.17
C ILE A 367 -7.35 23.66 19.74
N ASN A 368 -7.87 24.88 19.89
CA ASN A 368 -9.17 25.08 20.50
C ASN A 368 -10.30 25.31 19.51
N ASN A 369 -10.02 25.30 18.20
CA ASN A 369 -11.02 25.67 17.20
C ASN A 369 -10.75 25.00 15.85
N TYR A 370 -10.29 23.74 15.86
CA TYR A 370 -10.07 23.01 14.61
C TYR A 370 -11.20 22.03 14.28
N LYS A 371 -12.04 21.72 15.28
CA LYS A 371 -12.94 20.58 15.22
C LYS A 371 -13.84 20.64 13.99
N SER A 372 -14.48 21.79 13.75
CA SER A 372 -15.44 21.88 12.66
C SER A 372 -14.77 21.73 11.29
N ASN A 373 -13.57 22.28 11.12
CA ASN A 373 -12.87 22.11 9.85
C ASN A 373 -12.54 20.64 9.61
N LEU A 374 -12.08 19.94 10.65
CA LEU A 374 -11.74 18.53 10.51
C LEU A 374 -12.98 17.70 10.14
N PHE A 375 -14.11 17.94 10.83
CA PHE A 375 -15.34 17.22 10.53
C PHE A 375 -15.81 17.49 9.11
N GLU A 376 -15.68 18.73 8.65
CA GLU A 376 -16.10 19.07 7.30
C GLU A 376 -15.26 18.35 6.25
N ILE A 377 -13.94 18.27 6.47
CA ILE A 377 -13.08 17.61 5.49
C ILE A 377 -13.38 16.11 5.44
N LEU A 378 -13.62 15.49 6.59
CA LEU A 378 -13.92 14.06 6.62
C LEU A 378 -15.26 13.76 5.96
N GLU A 379 -16.27 14.58 6.23
CA GLU A 379 -17.60 14.30 5.74
C GLU A 379 -17.70 14.45 4.22
N LYS A 380 -16.82 15.26 3.61
CA LYS A 380 -16.77 15.32 2.15
C LYS A 380 -16.20 14.05 1.54
N GLU A 381 -15.48 13.24 2.32
CA GLU A 381 -14.85 12.04 1.78
C GLU A 381 -15.48 10.73 2.23
N ILE A 382 -16.31 10.76 3.28
CA ILE A 382 -16.72 9.54 3.97
C ILE A 382 -17.59 8.65 3.09
N LEU A 383 -18.34 9.23 2.15
CA LEU A 383 -19.23 8.46 1.30
C LEU A 383 -18.64 8.13 -0.09
N ASN A 384 -17.41 8.54 -0.37
CA ASN A 384 -16.79 8.24 -1.65
C ASN A 384 -16.30 6.80 -1.71
N ILE A 385 -16.41 6.19 -2.89
CA ILE A 385 -15.93 4.84 -3.15
C ILE A 385 -14.46 4.90 -3.58
N ASN A 386 -13.58 4.22 -2.83
CA ASN A 386 -12.14 4.27 -3.10
C ASN A 386 -11.79 3.49 -4.36
N PRO A 387 -11.11 4.10 -5.34
CA PRO A 387 -10.59 3.35 -6.49
C PRO A 387 -9.37 2.54 -6.12
N MET B 21 -19.38 3.23 -40.66
CA MET B 21 -18.91 2.51 -39.48
C MET B 21 -17.54 2.99 -39.01
N SER B 22 -17.41 3.15 -37.69
CA SER B 22 -16.14 3.43 -37.03
C SER B 22 -15.91 2.37 -35.95
N HIS B 23 -14.64 2.18 -35.58
CA HIS B 23 -14.26 1.33 -34.47
C HIS B 23 -14.20 2.22 -33.24
N VAL B 24 -15.26 2.18 -32.43
CA VAL B 24 -15.31 2.90 -31.17
C VAL B 24 -14.96 1.92 -30.06
N GLN B 25 -14.08 2.34 -29.15
CA GLN B 25 -13.81 1.60 -27.93
C GLN B 25 -14.34 2.40 -26.76
N ILE B 26 -15.18 1.78 -25.94
CA ILE B 26 -15.59 2.32 -24.66
C ILE B 26 -14.80 1.58 -23.59
N THR B 27 -14.13 2.33 -22.73
CA THR B 27 -13.28 1.67 -21.76
C THR B 27 -13.51 2.28 -20.38
N LEU B 28 -13.56 1.42 -19.36
CA LEU B 28 -13.88 1.83 -18.01
C LEU B 28 -12.60 2.19 -17.26
N VAL B 29 -12.61 3.33 -16.57
CA VAL B 29 -11.40 3.86 -15.94
C VAL B 29 -11.55 3.68 -14.42
N GLY B 30 -10.83 2.72 -13.88
CA GLY B 30 -10.75 2.54 -12.45
C GLY B 30 -9.51 3.22 -11.91
N GLY B 31 -8.98 2.68 -10.82
CA GLY B 31 -7.73 3.17 -10.28
C GLY B 31 -6.50 2.82 -11.10
N GLN B 32 -6.58 1.82 -11.98
CA GLN B 32 -5.39 1.34 -12.69
C GLN B 32 -5.42 1.84 -14.13
N ALA B 33 -4.49 2.74 -14.47
CA ALA B 33 -4.46 3.30 -15.82
C ALA B 33 -3.93 2.30 -16.85
N ALA B 34 -3.11 1.35 -16.43
CA ALA B 34 -2.44 0.47 -17.39
C ALA B 34 -3.39 -0.36 -18.24
N PRO B 35 -4.38 -1.08 -17.69
CA PRO B 35 -5.27 -1.87 -18.56
C PRO B 35 -6.06 -1.02 -19.54
N VAL B 36 -6.43 0.21 -19.15
CA VAL B 36 -7.10 1.12 -20.07
C VAL B 36 -6.17 1.44 -21.25
N TYR B 37 -4.96 1.94 -20.95
CA TYR B 37 -3.99 2.26 -21.99
C TYR B 37 -3.68 1.05 -22.86
N ASN B 38 -3.43 -0.10 -22.24
CA ASN B 38 -3.08 -1.29 -22.99
C ASN B 38 -4.22 -1.76 -23.90
N GLY B 39 -5.47 -1.61 -23.46
CA GLY B 39 -6.59 -1.98 -24.32
C GLY B 39 -6.71 -1.12 -25.55
N ILE B 40 -6.38 0.17 -25.42
CA ILE B 40 -6.45 1.07 -26.57
C ILE B 40 -5.32 0.79 -27.54
N THR B 41 -4.11 0.59 -27.02
CA THR B 41 -2.97 0.26 -27.87
C THR B 41 -3.20 -1.01 -28.66
N TYR B 42 -3.86 -2.01 -28.05
CA TYR B 42 -4.01 -3.29 -28.72
C TYR B 42 -4.94 -3.19 -29.92
N TYR B 43 -6.04 -2.46 -29.79
CA TYR B 43 -7.03 -2.49 -30.85
C TYR B 43 -6.89 -1.32 -31.81
N ASN B 44 -6.19 -0.26 -31.40
CA ASN B 44 -5.99 0.93 -32.20
C ASN B 44 -7.33 1.41 -32.73
N PRO B 45 -8.21 1.92 -31.88
CA PRO B 45 -9.52 2.35 -32.34
C PRO B 45 -9.52 3.78 -32.87
N ASP B 46 -10.53 4.07 -33.68
CA ASP B 46 -10.70 5.42 -34.21
C ASP B 46 -11.24 6.40 -33.18
N LYS B 47 -11.96 5.90 -32.17
CA LYS B 47 -12.59 6.74 -31.16
C LYS B 47 -12.57 6.02 -29.83
N VAL B 48 -12.18 6.73 -28.77
CA VAL B 48 -12.10 6.17 -27.42
C VAL B 48 -13.02 6.98 -26.52
N ILE B 49 -13.87 6.29 -25.77
CA ILE B 49 -14.68 6.90 -24.71
C ILE B 49 -14.12 6.42 -23.38
N LEU B 50 -13.49 7.32 -22.64
CA LEU B 50 -12.95 7.00 -21.33
C LEU B 50 -14.04 7.28 -20.27
N VAL B 51 -14.64 6.21 -19.74
CA VAL B 51 -15.70 6.32 -18.74
C VAL B 51 -15.05 6.32 -17.36
N CYS B 52 -15.22 7.42 -16.63
CA CYS B 52 -14.57 7.56 -15.34
C CYS B 52 -15.57 8.11 -14.33
N SER B 53 -15.13 8.22 -13.09
CA SER B 53 -15.87 8.87 -12.02
C SER B 53 -15.12 10.13 -11.60
N LYS B 54 -15.66 10.83 -10.61
CA LYS B 54 -14.95 11.95 -10.03
C LYS B 54 -13.69 11.51 -9.31
N GLN B 55 -13.64 10.25 -8.87
CA GLN B 55 -12.48 9.73 -8.17
C GLN B 55 -11.37 9.26 -9.13
N THR B 56 -11.68 8.99 -10.40
CA THR B 56 -10.69 8.53 -11.36
C THR B 56 -10.53 9.48 -12.55
N GLN B 57 -10.96 10.73 -12.37
CA GLN B 57 -10.82 11.74 -13.42
C GLN B 57 -9.37 12.01 -13.76
N ASN B 58 -8.49 12.06 -12.74
CA ASN B 58 -7.07 12.29 -13.03
C ASN B 58 -6.49 11.15 -13.87
N GLU B 59 -6.85 9.91 -13.54
CA GLU B 59 -6.43 8.76 -14.35
C GLU B 59 -6.91 8.92 -15.78
N ALA B 60 -8.18 9.32 -15.95
CA ALA B 60 -8.75 9.46 -17.29
C ALA B 60 -8.03 10.55 -18.08
N MET B 61 -7.72 11.68 -17.43
CA MET B 61 -7.02 12.76 -18.11
C MET B 61 -5.62 12.34 -18.53
N ARG B 62 -4.96 11.50 -17.72
CA ARG B 62 -3.60 11.09 -18.06
C ARG B 62 -3.60 10.08 -19.21
N ILE B 63 -4.63 9.23 -19.30
CA ILE B 63 -4.76 8.33 -20.45
C ILE B 63 -5.08 9.13 -21.72
N LYS B 64 -5.97 10.12 -21.59
CA LYS B 64 -6.32 10.94 -22.75
C LYS B 64 -5.10 11.65 -23.33
N ALA B 65 -4.20 12.12 -22.46
CA ALA B 65 -2.98 12.79 -22.92
C ALA B 65 -2.15 11.91 -23.84
N GLU B 66 -2.25 10.58 -23.70
CA GLU B 66 -1.54 9.69 -24.61
C GLU B 66 -2.29 9.44 -25.91
N PHE B 67 -3.57 9.76 -25.97
CA PHE B 67 -4.35 9.60 -27.19
C PHE B 67 -5.18 10.85 -27.41
N PRO B 68 -4.56 12.03 -27.43
CA PRO B 68 -5.34 13.28 -27.29
C PRO B 68 -6.30 13.56 -28.44
N ASP B 69 -6.10 12.95 -29.60
CA ASP B 69 -6.94 13.31 -30.73
C ASP B 69 -8.11 12.38 -30.93
N ILE B 70 -8.13 11.22 -30.26
CA ILE B 70 -9.18 10.24 -30.46
C ILE B 70 -10.02 10.00 -29.21
N ALA B 71 -9.55 10.40 -28.03
CA ALA B 71 -10.20 10.03 -26.78
C ALA B 71 -10.93 11.22 -26.15
N GLU B 72 -12.12 10.94 -25.63
CA GLU B 72 -12.92 11.89 -24.87
C GLU B 72 -13.30 11.25 -23.54
N ILE B 73 -13.68 12.09 -22.58
CA ILE B 73 -13.93 11.64 -21.22
C ILE B 73 -15.40 11.81 -20.89
N LYS B 74 -15.99 10.80 -20.25
CA LYS B 74 -17.38 10.85 -19.78
C LYS B 74 -17.43 10.48 -18.30
N VAL B 75 -18.01 11.34 -17.48
CA VAL B 75 -18.00 11.18 -16.04
C VAL B 75 -19.31 10.56 -15.58
N MET B 76 -19.23 9.54 -14.74
CA MET B 76 -20.38 8.78 -14.29
C MET B 76 -20.22 8.44 -12.82
N ASP B 77 -21.34 8.36 -12.10
CA ASP B 77 -21.31 7.85 -10.75
C ASP B 77 -20.88 6.39 -10.74
N PRO B 78 -20.05 5.98 -9.77
CA PRO B 78 -19.49 4.61 -9.82
C PRO B 78 -20.47 3.50 -9.44
N VAL B 79 -21.55 3.79 -8.71
CA VAL B 79 -22.37 2.69 -8.17
C VAL B 79 -23.87 2.91 -8.30
N ASN B 80 -24.32 4.13 -8.60
CA ASN B 80 -25.76 4.38 -8.62
C ASN B 80 -26.38 3.77 -9.86
N ILE B 81 -27.07 2.63 -9.67
CA ILE B 81 -27.66 1.86 -10.78
C ILE B 81 -28.53 2.75 -11.68
N ALA B 82 -29.40 3.56 -11.08
CA ALA B 82 -30.34 4.34 -11.87
C ALA B 82 -29.60 5.31 -12.81
N GLU B 83 -28.58 5.99 -12.29
CA GLU B 83 -27.79 6.88 -13.12
C GLU B 83 -26.99 6.11 -14.18
N ILE B 84 -26.37 4.98 -13.80
CA ILE B 84 -25.53 4.21 -14.72
C ILE B 84 -26.37 3.72 -15.90
N VAL B 85 -27.52 3.09 -15.61
CA VAL B 85 -28.38 2.54 -16.67
C VAL B 85 -28.86 3.65 -17.61
N SER B 86 -29.37 4.75 -17.03
CA SER B 86 -29.81 5.88 -17.85
C SER B 86 -28.70 6.40 -18.75
N GLU B 87 -27.52 6.66 -18.18
CA GLU B 87 -26.46 7.29 -18.94
C GLU B 87 -25.73 6.30 -19.87
N THR B 88 -25.71 5.00 -19.52
CA THR B 88 -25.12 4.04 -20.44
C THR B 88 -26.03 3.79 -21.63
N ARG B 89 -27.35 3.74 -21.40
CA ARG B 89 -28.29 3.56 -22.51
C ARG B 89 -28.28 4.75 -23.45
N ALA B 90 -28.12 5.96 -22.93
CA ALA B 90 -28.05 7.14 -23.78
C ALA B 90 -26.77 7.13 -24.61
N LEU B 91 -25.63 6.85 -23.97
CA LEU B 91 -24.38 6.71 -24.69
C LEU B 91 -24.52 5.70 -25.84
N ALA B 92 -25.02 4.51 -25.54
CA ALA B 92 -25.23 3.50 -26.58
C ALA B 92 -26.13 4.04 -27.69
N ASP B 93 -27.25 4.65 -27.34
CA ASP B 93 -28.17 5.15 -28.35
C ASP B 93 -27.55 6.27 -29.17
N SER B 94 -26.55 6.97 -28.64
CA SER B 94 -25.92 8.07 -29.34
C SER B 94 -24.93 7.62 -30.41
N MET B 95 -24.71 6.32 -30.55
CA MET B 95 -23.81 5.78 -31.57
C MET B 95 -24.52 4.63 -32.29
N PRO B 96 -25.54 4.93 -33.11
CA PRO B 96 -26.36 3.85 -33.69
C PRO B 96 -25.59 2.90 -34.60
N ASP B 97 -24.74 3.41 -35.49
CA ASP B 97 -24.03 2.58 -36.46
C ASP B 97 -22.53 2.64 -36.18
N ASP B 98 -22.10 1.90 -35.15
CA ASP B 98 -20.69 1.83 -34.86
C ASP B 98 -20.38 0.45 -34.33
N GLU B 99 -19.23 -0.09 -34.71
CA GLU B 99 -18.67 -1.27 -34.08
C GLU B 99 -18.04 -0.84 -32.76
N ILE B 100 -18.55 -1.36 -31.65
CA ILE B 100 -18.11 -0.93 -30.33
C ILE B 100 -17.52 -2.12 -29.59
N TYR B 101 -16.28 -1.98 -29.14
CA TYR B 101 -15.71 -2.88 -28.15
C TYR B 101 -15.78 -2.20 -26.79
N VAL B 102 -15.98 -3.00 -25.74
CA VAL B 102 -16.04 -2.49 -24.37
C VAL B 102 -14.97 -3.20 -23.55
N ASN B 103 -13.99 -2.45 -23.07
CA ASN B 103 -13.03 -2.92 -22.07
C ASN B 103 -13.65 -2.81 -20.68
N ILE B 104 -14.08 -3.92 -20.08
CA ILE B 104 -14.61 -3.84 -18.71
C ILE B 104 -13.54 -4.15 -17.67
N SER B 105 -12.27 -3.97 -18.03
CA SER B 105 -11.18 -4.28 -17.11
C SER B 105 -11.23 -3.40 -15.88
N GLY B 106 -11.16 -2.09 -16.07
CA GLY B 106 -11.23 -1.15 -14.96
C GLY B 106 -12.67 -0.81 -14.61
N GLY B 107 -12.82 0.12 -13.68
CA GLY B 107 -14.13 0.56 -13.25
C GLY B 107 -14.84 -0.41 -12.33
N THR B 108 -15.95 0.02 -11.72
CA THR B 108 -16.67 -0.80 -10.74
C THR B 108 -17.30 -2.02 -11.38
N LYS B 109 -17.64 -3.00 -10.54
CA LYS B 109 -18.49 -4.11 -10.99
C LYS B 109 -19.84 -3.62 -11.48
N SER B 110 -20.32 -2.50 -10.93
CA SER B 110 -21.60 -1.95 -11.35
C SER B 110 -21.54 -1.51 -12.82
N TRP B 111 -20.51 -0.72 -13.17
CA TRP B 111 -20.28 -0.38 -14.58
C TRP B 111 -20.15 -1.63 -15.43
N ALA B 112 -19.25 -2.54 -15.04
CA ALA B 112 -19.01 -3.76 -15.81
C ALA B 112 -20.31 -4.51 -16.08
N PHE B 113 -21.18 -4.60 -15.07
CA PHE B 113 -22.43 -5.34 -15.23
C PHE B 113 -23.33 -4.69 -16.28
N TYR B 114 -23.57 -3.39 -16.17
CA TYR B 114 -24.54 -2.77 -17.06
C TYR B 114 -23.95 -2.39 -18.41
N PHE B 115 -22.65 -2.07 -18.47
CA PHE B 115 -22.05 -1.76 -19.76
C PHE B 115 -22.02 -3.01 -20.64
N SER B 116 -21.60 -4.14 -20.08
CA SER B 116 -21.51 -5.36 -20.86
C SER B 116 -22.87 -5.77 -21.40
N ARG B 117 -23.91 -5.66 -20.57
CA ARG B 117 -25.22 -6.12 -21.00
C ARG B 117 -25.84 -5.17 -22.02
N ILE B 118 -25.80 -3.86 -21.76
CA ILE B 118 -26.47 -2.90 -22.63
C ILE B 118 -25.83 -2.91 -24.02
N PHE B 119 -24.51 -3.00 -24.09
CA PHE B 119 -23.87 -2.95 -25.39
C PHE B 119 -23.87 -4.29 -26.11
N SER B 120 -23.95 -5.41 -25.39
CA SER B 120 -24.03 -6.68 -26.08
C SER B 120 -25.40 -6.91 -26.71
N GLU B 121 -26.31 -5.95 -26.58
CA GLU B 121 -27.56 -5.95 -27.33
C GLU B 121 -27.34 -5.61 -28.80
N ARG B 122 -26.10 -5.44 -29.23
CA ARG B 122 -25.77 -5.19 -30.63
C ARG B 122 -24.86 -6.30 -31.13
N SER B 123 -25.09 -6.74 -32.36
CA SER B 123 -24.28 -7.80 -32.95
C SER B 123 -22.87 -7.31 -33.33
N ASN B 124 -22.68 -6.00 -33.42
CA ASN B 124 -21.36 -5.42 -33.63
C ASN B 124 -20.81 -4.89 -32.31
N THR B 125 -20.73 -5.80 -31.33
CA THR B 125 -20.19 -5.46 -30.02
C THR B 125 -19.41 -6.65 -29.47
N LYS B 126 -18.20 -6.40 -29.02
CA LYS B 126 -17.42 -7.39 -28.30
C LYS B 126 -17.06 -6.82 -26.93
N ILE B 127 -17.24 -7.62 -25.88
CA ILE B 127 -16.83 -7.27 -24.52
C ILE B 127 -15.49 -7.95 -24.26
N PHE B 128 -14.49 -7.19 -23.82
CA PHE B 128 -13.18 -7.79 -23.61
C PHE B 128 -12.57 -7.29 -22.29
N TYR B 129 -11.44 -7.91 -21.95
CA TYR B 129 -10.78 -7.76 -20.66
C TYR B 129 -9.33 -8.14 -20.87
N ILE B 130 -8.41 -7.33 -20.34
CA ILE B 130 -6.99 -7.62 -20.44
C ILE B 130 -6.46 -7.85 -19.02
N ASP B 131 -5.72 -8.94 -18.83
CA ASP B 131 -5.32 -9.30 -17.47
C ASP B 131 -3.91 -8.78 -17.18
N GLN B 132 -3.44 -9.04 -15.95
CA GLN B 132 -2.15 -8.49 -15.56
C GLN B 132 -0.98 -9.10 -16.34
N ASN B 133 -1.22 -10.15 -17.14
CA ASN B 133 -0.18 -10.75 -17.97
C ASN B 133 -0.20 -10.20 -19.40
N ASN B 134 -1.04 -9.19 -19.65
CA ASN B 134 -1.37 -8.65 -20.96
C ASN B 134 -2.01 -9.68 -21.89
N THR B 135 -2.66 -10.70 -21.36
CA THR B 135 -3.48 -11.57 -22.20
C THR B 135 -4.82 -10.88 -22.44
N ILE B 136 -5.19 -10.69 -23.70
CA ILE B 136 -6.47 -10.09 -24.04
C ILE B 136 -7.53 -11.18 -24.08
N TRP B 137 -8.53 -11.08 -23.20
CA TRP B 137 -9.63 -12.04 -23.16
C TRP B 137 -10.88 -11.42 -23.78
N ASN B 138 -11.38 -12.06 -24.84
CA ASN B 138 -12.60 -11.66 -25.52
C ASN B 138 -13.76 -12.43 -24.89
N PHE B 139 -14.50 -11.78 -23.98
CA PHE B 139 -15.52 -12.45 -23.19
C PHE B 139 -16.72 -12.86 -24.06
N THR B 140 -17.01 -12.10 -25.11
CA THR B 140 -18.12 -12.42 -26.00
C THR B 140 -17.87 -13.73 -26.75
N ASP B 141 -16.69 -13.86 -27.37
CA ASP B 141 -16.38 -15.03 -28.20
C ASP B 141 -15.73 -16.14 -27.41
N GLN B 142 -15.28 -15.87 -26.19
CA GLN B 142 -14.58 -16.84 -25.34
C GLN B 142 -13.24 -17.23 -25.98
N THR B 143 -12.47 -16.21 -26.38
CA THR B 143 -11.17 -16.39 -27.04
C THR B 143 -10.15 -15.48 -26.39
N HIS B 144 -8.88 -15.77 -26.62
CA HIS B 144 -7.80 -14.99 -26.06
C HIS B 144 -6.68 -14.86 -27.08
N SER B 145 -5.79 -13.91 -26.81
CA SER B 145 -4.60 -13.64 -27.60
C SER B 145 -3.66 -12.78 -26.76
N GLN B 146 -2.39 -12.80 -27.12
CA GLN B 146 -1.36 -12.13 -26.33
C GLN B 146 -0.99 -10.79 -26.96
N ALA B 147 -0.90 -9.76 -26.11
CA ALA B 147 -0.49 -8.44 -26.57
C ALA B 147 0.77 -8.55 -27.42
N ASN B 148 0.77 -7.89 -28.57
CA ASN B 148 1.93 -7.85 -29.46
C ASN B 148 2.82 -6.64 -29.22
N PHE B 149 2.91 -6.18 -27.97
CA PHE B 149 3.78 -5.07 -27.63
C PHE B 149 4.31 -5.27 -26.22
N ASP B 150 5.34 -4.50 -25.91
CA ASP B 150 6.00 -4.53 -24.61
C ASP B 150 5.73 -3.24 -23.83
N LEU B 151 5.71 -3.39 -22.52
CA LEU B 151 5.69 -2.26 -21.60
C LEU B 151 6.84 -1.30 -21.88
N ASN B 152 6.55 -0.01 -21.79
CA ASN B 152 7.55 1.06 -21.73
C ASN B 152 7.50 1.65 -20.32
N LEU B 153 8.66 1.66 -19.64
CA LEU B 153 8.70 2.06 -18.24
C LEU B 153 8.25 3.50 -18.05
N ASP B 154 8.67 4.39 -18.93
CA ASP B 154 8.41 5.82 -18.78
C ASP B 154 6.97 6.19 -19.12
N VAL B 155 6.34 5.46 -20.04
CA VAL B 155 4.92 5.67 -20.29
C VAL B 155 4.10 5.23 -19.08
N GLN B 156 4.43 4.05 -18.54
CA GLN B 156 3.71 3.53 -17.39
C GLN B 156 3.82 4.48 -16.19
N PHE B 157 5.04 4.91 -15.87
CA PHE B 157 5.20 5.85 -14.75
C PHE B 157 4.38 7.12 -14.97
N ARG B 158 4.46 7.67 -16.20
CA ARG B 158 3.68 8.86 -16.55
C ARG B 158 2.18 8.61 -16.37
N LEU B 159 1.69 7.45 -16.80
CA LEU B 159 0.28 7.12 -16.65
C LEU B 159 -0.15 7.14 -15.18
N TYR B 160 0.74 6.69 -14.29
CA TYR B 160 0.47 6.70 -12.87
C TYR B 160 0.93 7.99 -12.22
N GLY B 161 1.42 8.93 -13.01
CA GLY B 161 1.62 10.32 -12.59
C GLY B 161 3.00 10.69 -12.15
N ASN B 162 4.04 9.96 -12.54
CA ASN B 162 5.40 10.28 -12.07
C ASN B 162 6.42 10.14 -13.20
N SER B 163 7.64 10.58 -12.90
CA SER B 163 8.76 10.48 -13.83
C SER B 163 9.98 9.98 -13.09
N LEU B 164 10.66 9.01 -13.69
CA LEU B 164 11.96 8.52 -13.18
C LEU B 164 13.05 9.16 -14.04
N LYS B 165 13.37 10.42 -13.75
CA LYS B 165 14.36 11.15 -14.54
C LYS B 165 15.79 10.82 -14.13
N GLU B 166 15.97 10.22 -12.95
CA GLU B 166 17.27 9.92 -12.38
C GLU B 166 17.34 8.42 -12.10
N TYR B 167 18.34 7.75 -12.70
CA TYR B 167 18.61 6.34 -12.45
C TYR B 167 19.92 5.98 -13.16
N LYS B 168 20.46 4.83 -12.81
CA LYS B 168 21.67 4.34 -13.43
C LYS B 168 21.37 3.03 -14.14
N LEU B 169 22.28 2.64 -15.02
CA LEU B 169 22.26 1.32 -15.65
C LEU B 169 23.45 0.53 -15.14
N VAL B 170 23.36 -0.80 -15.26
CA VAL B 170 24.52 -1.63 -14.94
C VAL B 170 25.72 -1.23 -15.80
N SER B 171 25.48 -0.83 -17.04
CA SER B 171 26.56 -0.43 -17.93
C SER B 171 27.20 0.89 -17.55
N ASP B 172 26.61 1.65 -16.62
CA ASP B 172 27.27 2.85 -16.12
C ASP B 172 28.37 2.52 -15.15
N PHE B 173 28.50 1.25 -14.74
CA PHE B 173 29.56 0.79 -13.86
C PHE B 173 30.61 0.07 -14.69
N ALA B 174 31.76 -0.17 -14.07
CA ALA B 174 32.87 -0.79 -14.79
C ALA B 174 32.87 -2.29 -14.56
N ASP B 175 33.67 -3.00 -15.38
CA ASP B 175 33.73 -4.44 -15.24
C ASP B 175 34.31 -4.82 -13.87
N ASP B 176 35.34 -4.08 -13.42
CA ASP B 176 35.93 -4.40 -12.14
C ASP B 176 35.06 -3.99 -10.96
N ASP B 177 34.04 -3.14 -11.16
CA ASP B 177 33.01 -2.98 -10.13
C ASP B 177 32.18 -4.26 -9.99
N LEU B 178 31.97 -5.00 -11.08
CA LEU B 178 31.16 -6.22 -10.94
C LEU B 178 31.99 -7.36 -10.35
N THR B 179 33.27 -7.49 -10.72
CA THR B 179 34.02 -8.63 -10.20
C THR B 179 34.41 -8.48 -8.73
N ILE B 180 34.40 -7.26 -8.17
CA ILE B 180 34.82 -7.12 -6.77
C ILE B 180 33.69 -7.42 -5.79
N ILE B 181 32.46 -7.61 -6.28
CA ILE B 181 31.32 -7.80 -5.39
C ILE B 181 31.49 -8.99 -4.46
N PRO B 182 31.85 -10.19 -4.93
CA PRO B 182 31.97 -11.31 -3.98
C PRO B 182 33.08 -11.10 -2.95
N LYS B 183 34.18 -10.45 -3.32
CA LYS B 183 35.22 -10.11 -2.35
C LYS B 183 34.66 -9.25 -1.22
N ILE B 184 33.87 -8.24 -1.56
CA ILE B 184 33.26 -7.37 -0.54
C ILE B 184 32.37 -8.19 0.38
N TYR B 185 31.44 -8.96 -0.21
CA TYR B 185 30.54 -9.82 0.54
C TYR B 185 31.30 -10.74 1.48
N LYS B 186 32.38 -11.34 0.99
CA LYS B 186 33.14 -12.28 1.80
C LYS B 186 33.89 -11.57 2.93
N ILE B 187 34.39 -10.35 2.67
CA ILE B 187 34.98 -9.55 3.74
C ILE B 187 33.96 -9.26 4.83
N ARG B 188 32.74 -8.86 4.42
CA ARG B 188 31.70 -8.58 5.40
C ARG B 188 31.39 -9.83 6.22
N SER B 189 31.44 -10.99 5.57
CA SER B 189 31.08 -12.24 6.23
C SER B 189 32.04 -12.57 7.38
N PHE B 190 33.27 -12.06 7.33
CA PHE B 190 34.22 -12.34 8.41
C PHE B 190 33.72 -11.81 9.77
N ASP B 191 33.05 -10.66 9.77
CA ASP B 191 32.39 -10.14 10.98
C ASP B 191 31.43 -9.04 10.54
N LYS B 192 30.13 -9.37 10.49
CA LYS B 192 29.13 -8.52 9.84
C LYS B 192 28.93 -7.22 10.58
N ARG B 193 28.96 -7.26 11.91
CA ARG B 193 28.72 -6.05 12.68
C ARG B 193 29.91 -5.09 12.57
N ASN B 194 31.15 -5.62 12.63
CA ASN B 194 32.33 -4.76 12.52
C ASN B 194 32.44 -4.15 11.13
N PHE B 195 32.23 -4.96 10.08
CA PHE B 195 32.14 -4.42 8.72
C PHE B 195 31.05 -3.36 8.64
N GLY B 196 29.89 -3.65 9.26
CA GLY B 196 28.76 -2.73 9.17
C GLY B 196 29.06 -1.37 9.80
N LYS B 197 29.75 -1.37 10.93
CA LYS B 197 30.02 -0.10 11.60
C LYS B 197 31.07 0.72 10.87
N LEU B 198 32.09 0.07 10.29
CA LEU B 198 33.03 0.81 9.46
C LEU B 198 32.33 1.39 8.23
N MET B 199 31.42 0.61 7.63
CA MET B 199 30.70 1.08 6.44
C MET B 199 29.81 2.27 6.78
N ASN B 200 29.19 2.24 7.95
CA ASN B 200 28.37 3.36 8.40
C ASN B 200 29.20 4.61 8.62
N LEU B 201 30.33 4.49 9.32
CA LEU B 201 31.20 5.65 9.51
C LEU B 201 31.62 6.23 8.18
N TYR B 202 32.03 5.38 7.23
CA TYR B 202 32.38 5.86 5.90
C TYR B 202 31.22 6.57 5.24
N SER B 203 30.06 5.91 5.17
CA SER B 203 28.91 6.47 4.45
C SER B 203 28.46 7.83 5.00
N GLU B 204 28.80 8.14 6.25
CA GLU B 204 28.42 9.42 6.82
C GLU B 204 29.46 10.50 6.55
N ASN B 205 30.74 10.24 6.83
CA ASN B 205 31.83 11.18 6.53
C ASN B 205 32.76 10.59 5.48
N SER B 206 32.27 10.52 4.24
CA SER B 206 33.03 9.90 3.15
C SER B 206 34.43 10.49 3.02
N GLU B 207 34.57 11.80 3.24
CA GLU B 207 35.81 12.51 2.92
C GLU B 207 36.95 12.19 3.89
N ASN B 208 36.64 11.70 5.10
CA ASN B 208 37.72 11.27 5.98
C ASN B 208 38.44 10.08 5.35
N VAL B 209 39.70 9.88 5.74
CA VAL B 209 40.54 8.89 5.09
C VAL B 209 40.83 7.68 5.98
N PHE B 210 40.53 7.74 7.26
CA PHE B 210 40.78 6.63 8.18
C PHE B 210 39.59 6.50 9.12
N PHE B 211 38.99 5.32 9.15
CA PHE B 211 37.91 5.00 10.08
C PHE B 211 38.33 3.80 10.91
N ASP B 212 38.02 3.82 12.20
CA ASP B 212 38.49 2.74 13.05
C ASP B 212 37.55 2.52 14.22
N LEU B 213 37.57 1.30 14.75
CA LEU B 213 36.79 0.96 15.92
C LEU B 213 37.71 0.58 17.07
N ASP B 214 37.13 0.56 18.27
CA ASP B 214 37.89 0.21 19.46
C ASP B 214 38.48 -1.19 19.37
N ASN B 215 37.84 -2.11 18.62
CA ASN B 215 38.32 -3.49 18.62
C ASN B 215 39.44 -3.72 17.61
N GLY B 216 39.87 -2.70 16.86
CA GLY B 216 40.99 -2.83 15.97
C GLY B 216 40.62 -2.86 14.51
N SER B 217 39.36 -3.05 14.16
CA SER B 217 38.95 -3.00 12.76
C SER B 217 39.15 -1.58 12.22
N TYR B 218 39.49 -1.51 10.93
CA TYR B 218 39.64 -0.21 10.28
C TYR B 218 39.38 -0.30 8.77
N LEU B 219 38.98 0.83 8.21
CA LEU B 219 38.89 1.06 6.78
C LEU B 219 39.73 2.28 6.44
N ARG B 220 40.60 2.19 5.44
CA ARG B 220 41.45 3.32 5.10
C ARG B 220 41.44 3.57 3.60
N TRP B 221 41.31 4.83 3.21
CA TRP B 221 41.43 5.24 1.82
C TRP B 221 42.86 5.68 1.55
N ASP B 222 43.42 5.17 0.47
CA ASP B 222 44.78 5.49 0.04
C ASP B 222 44.65 6.31 -1.23
N ASN B 223 44.82 7.63 -1.11
CA ASN B 223 44.62 8.49 -2.27
C ASN B 223 45.71 8.30 -3.33
N GLU B 224 46.93 7.95 -2.92
CA GLU B 224 47.99 7.71 -3.89
C GLU B 224 47.71 6.47 -4.73
N GLN B 225 47.38 5.36 -4.07
CA GLN B 225 47.13 4.10 -4.78
C GLN B 225 45.68 3.95 -5.22
N GLN B 226 44.82 4.89 -4.86
CA GLN B 226 43.42 4.91 -5.27
C GLN B 226 42.72 3.61 -4.87
N LEU B 227 42.85 3.25 -3.60
CA LEU B 227 42.26 2.00 -3.13
C LEU B 227 41.85 2.12 -1.66
N PHE B 228 41.04 1.18 -1.24
CA PHE B 228 40.68 1.00 0.15
C PHE B 228 41.52 -0.12 0.75
N GLU B 229 41.96 0.09 1.97
CA GLU B 229 42.60 -0.94 2.78
C GLU B 229 41.69 -1.19 3.97
N ILE B 230 41.23 -2.44 4.14
CA ILE B 230 40.23 -2.77 5.16
C ILE B 230 40.75 -3.93 6.02
N ASN B 231 40.46 -3.85 7.32
CA ASN B 231 40.89 -4.85 8.31
C ASN B 231 39.71 -5.14 9.24
N ILE B 232 39.17 -6.35 9.20
CA ILE B 232 38.01 -6.73 9.98
C ILE B 232 38.46 -7.71 11.05
N ARG B 233 38.20 -7.40 12.31
CA ARG B 233 38.47 -8.34 13.39
C ARG B 233 37.22 -9.14 13.71
N ASN B 234 37.43 -10.38 14.14
CA ASN B 234 36.30 -11.20 14.55
C ASN B 234 36.27 -11.22 16.09
N ARG B 235 35.63 -12.23 16.66
CA ARG B 235 35.47 -12.29 18.10
C ARG B 235 36.33 -13.37 18.72
N ASP B 236 37.29 -13.91 17.97
CA ASP B 236 38.15 -14.99 18.47
C ASP B 236 39.63 -14.66 18.38
N GLY B 237 39.99 -13.38 18.20
CA GLY B 237 41.38 -12.93 18.19
C GLY B 237 42.04 -12.91 16.83
N GLN B 238 41.26 -12.80 15.78
CA GLN B 238 41.80 -12.92 14.42
C GLN B 238 41.32 -11.74 13.61
N SER B 239 41.89 -11.59 12.42
CA SER B 239 41.66 -10.40 11.62
C SER B 239 41.75 -10.74 10.14
N LYS B 240 40.91 -10.11 9.33
CA LYS B 240 40.97 -10.25 7.88
C LYS B 240 41.33 -8.90 7.28
N HIS B 241 42.46 -8.86 6.57
CA HIS B 241 43.04 -7.68 5.97
C HIS B 241 43.03 -7.87 4.46
N GLU B 242 42.45 -6.92 3.74
CA GLU B 242 42.40 -7.01 2.29
C GLU B 242 42.47 -5.62 1.70
N ILE B 243 42.70 -5.59 0.37
CA ILE B 243 42.68 -4.39 -0.46
C ILE B 243 41.36 -4.42 -1.23
N LEU B 244 40.72 -3.25 -1.37
CA LEU B 244 39.50 -3.11 -2.18
C LEU B 244 39.68 -1.99 -3.20
N LYS B 245 39.75 -2.37 -4.48
CA LYS B 245 40.12 -1.43 -5.55
C LYS B 245 39.29 -1.72 -6.79
N SER B 246 38.47 -0.75 -7.19
CA SER B 246 37.73 -0.82 -8.43
C SER B 246 37.52 0.62 -8.93
N THR B 247 36.94 0.75 -10.11
CA THR B 247 36.74 2.08 -10.68
C THR B 247 35.94 2.97 -9.74
N HIS B 248 34.82 2.46 -9.22
CA HIS B 248 33.89 3.25 -8.44
C HIS B 248 33.78 2.74 -7.00
N ILE B 249 34.87 2.18 -6.46
CA ILE B 249 34.80 1.53 -5.16
C ILE B 249 34.25 2.48 -4.10
N ARG B 250 34.55 3.78 -4.21
CA ARG B 250 34.10 4.74 -3.20
C ARG B 250 32.58 4.88 -3.23
N ARG B 251 31.99 4.82 -4.42
CA ARG B 251 30.55 4.85 -4.52
C ARG B 251 29.95 3.51 -4.12
N LEU B 252 30.62 2.40 -4.48
CA LEU B 252 30.10 1.07 -4.17
C LEU B 252 30.01 0.84 -2.67
N LEU B 253 30.95 1.38 -1.91
CA LEU B 253 30.93 1.16 -0.48
C LEU B 253 30.01 2.12 0.27
N ARG B 254 29.28 2.98 -0.44
CA ARG B 254 28.37 3.93 0.21
C ARG B 254 26.97 3.32 0.25
N ASN B 255 26.44 3.12 1.45
CA ASN B 255 25.07 2.67 1.64
C ASN B 255 24.81 1.37 0.89
N TYR B 256 25.80 0.48 0.91
CA TYR B 256 25.67 -0.82 0.27
C TYR B 256 25.23 -0.71 -1.19
N THR B 257 25.78 0.28 -1.91
CA THR B 257 25.52 0.38 -3.34
C THR B 257 25.97 -0.88 -4.08
N TRP B 258 27.01 -1.56 -3.57
CA TRP B 258 27.47 -2.78 -4.24
C TRP B 258 26.43 -3.89 -4.24
N LEU B 259 25.58 -3.96 -3.19
CA LEU B 259 24.53 -4.97 -3.16
C LEU B 259 23.46 -4.71 -4.23
N GLU B 260 22.97 -3.47 -4.29
CA GLU B 260 22.03 -3.09 -5.34
C GLU B 260 22.57 -3.37 -6.73
N LEU B 261 23.84 -3.01 -6.97
CA LEU B 261 24.46 -3.28 -8.26
C LEU B 261 24.48 -4.79 -8.55
N GLU B 262 24.70 -5.61 -7.53
CA GLU B 262 24.78 -7.06 -7.72
C GLU B 262 23.43 -7.62 -8.14
N ILE B 263 22.37 -7.25 -7.42
CA ILE B 263 21.05 -7.71 -7.81
C ILE B 263 20.68 -7.19 -9.20
N ALA B 264 20.98 -5.91 -9.46
CA ALA B 264 20.74 -5.36 -10.79
C ALA B 264 21.49 -6.16 -11.86
N ARG B 265 22.75 -6.50 -11.58
CA ARG B 265 23.52 -7.29 -12.53
C ARG B 265 22.87 -8.65 -12.81
N VAL B 266 22.58 -9.44 -11.76
CA VAL B 266 22.05 -10.78 -12.00
C VAL B 266 20.71 -10.72 -12.73
N LEU B 267 19.84 -9.78 -12.33
CA LEU B 267 18.55 -9.65 -13.01
C LEU B 267 18.74 -9.22 -14.46
N SER B 268 19.86 -8.57 -14.77
CA SER B 268 20.17 -8.20 -16.15
C SER B 268 20.36 -9.41 -17.05
N GLY B 269 20.83 -10.53 -16.49
CA GLY B 269 20.99 -11.75 -17.24
C GLY B 269 19.80 -12.68 -17.25
N TRP B 270 18.69 -12.29 -16.61
CA TRP B 270 17.51 -13.14 -16.51
C TRP B 270 16.73 -13.10 -17.83
N LYS B 271 16.35 -14.28 -18.34
CA LYS B 271 15.67 -14.36 -19.64
C LYS B 271 14.39 -13.52 -19.69
N PHE B 272 13.78 -13.23 -18.54
CA PHE B 272 12.53 -12.48 -18.57
C PHE B 272 12.74 -10.97 -18.44
N ALA B 273 13.95 -10.50 -18.19
CA ALA B 273 14.20 -9.07 -18.08
C ALA B 273 14.40 -8.47 -19.45
N LYS B 274 13.71 -7.37 -19.73
CA LYS B 274 13.93 -6.62 -20.95
C LYS B 274 14.83 -5.40 -20.73
N GLU B 275 14.94 -4.95 -19.49
CA GLU B 275 15.61 -3.69 -19.21
C GLU B 275 15.71 -3.53 -17.70
N VAL B 276 16.86 -3.05 -17.23
CA VAL B 276 17.14 -2.98 -15.80
C VAL B 276 17.65 -1.58 -15.47
N ARG B 277 17.04 -0.95 -14.47
CA ARG B 277 17.45 0.35 -13.96
C ARG B 277 17.73 0.22 -12.48
N LEU B 278 18.77 0.90 -12.00
CA LEU B 278 19.04 0.89 -10.57
C LEU B 278 19.17 2.32 -10.05
N ASN B 279 19.05 2.46 -8.73
CA ASN B 279 19.25 3.72 -8.02
C ASN B 279 18.37 4.83 -8.59
N GLY B 280 17.13 4.48 -8.96
CA GLY B 280 16.21 5.48 -9.44
C GLY B 280 15.67 6.36 -8.32
N ILE B 281 15.28 7.58 -8.66
CA ILE B 281 14.65 8.49 -7.71
C ILE B 281 13.41 9.06 -8.37
N PHE B 282 12.27 8.98 -7.68
CA PHE B 282 11.06 9.67 -8.10
C PHE B 282 10.96 10.97 -7.29
N ARG B 283 10.67 12.09 -7.96
CA ARG B 283 10.67 13.39 -7.33
C ARG B 283 9.31 14.07 -7.51
N ASP B 284 9.04 15.07 -6.68
CA ASP B 284 7.75 15.74 -6.71
C ASP B 284 7.78 16.87 -7.75
N LYS B 285 6.78 17.75 -7.74
CA LYS B 285 6.76 18.80 -8.76
C LYS B 285 7.83 19.87 -8.54
N HIS B 286 8.48 19.92 -7.37
CA HIS B 286 9.57 20.85 -7.16
C HIS B 286 10.93 20.15 -7.11
N GLU B 287 11.03 18.96 -7.70
CA GLU B 287 12.25 18.16 -7.78
C GLU B 287 12.74 17.69 -6.41
N ASN B 288 11.88 17.70 -5.39
CA ASN B 288 12.24 17.07 -4.13
C ASN B 288 11.88 15.59 -4.18
N ALA B 289 12.73 14.75 -3.57
CA ALA B 289 12.58 13.31 -3.69
C ALA B 289 11.35 12.81 -2.93
N LYS B 290 10.60 11.91 -3.56
CA LYS B 290 9.50 11.19 -2.92
C LYS B 290 9.89 9.77 -2.52
N ASN B 291 10.65 9.06 -3.36
CA ASN B 291 11.09 7.70 -3.07
C ASN B 291 12.34 7.39 -3.87
N GLU B 292 13.26 6.65 -3.24
CA GLU B 292 14.36 6.01 -3.95
C GLU B 292 14.04 4.53 -4.12
N ILE B 293 14.33 4.01 -5.31
CA ILE B 293 14.01 2.63 -5.67
C ILE B 293 15.32 1.95 -6.06
N ASP B 294 15.64 0.84 -5.39
CA ASP B 294 16.91 0.17 -5.61
C ASP B 294 17.03 -0.37 -7.03
N CYS B 295 15.99 -1.07 -7.51
CA CYS B 295 16.09 -1.69 -8.82
C CYS B 295 14.69 -1.84 -9.43
N ILE B 296 14.59 -1.53 -10.72
CA ILE B 296 13.35 -1.59 -11.49
C ILE B 296 13.60 -2.45 -12.71
N VAL B 297 12.80 -3.51 -12.88
CA VAL B 297 12.98 -4.45 -13.98
C VAL B 297 11.73 -4.46 -14.85
N ASN B 298 11.90 -4.19 -16.13
CA ASN B 298 10.84 -4.29 -17.12
C ASN B 298 10.75 -5.74 -17.58
N LEU B 299 9.61 -6.39 -17.33
CA LEU B 299 9.36 -7.77 -17.74
C LEU B 299 8.53 -7.87 -19.02
N GLY B 300 8.27 -6.77 -19.69
CA GLY B 300 7.48 -6.76 -20.92
C GLY B 300 5.98 -6.59 -20.73
N ASN B 301 5.40 -7.37 -19.83
CA ASN B 301 3.97 -7.29 -19.52
C ASN B 301 3.72 -6.84 -18.09
N LYS B 302 4.77 -6.49 -17.35
CA LYS B 302 4.62 -5.96 -16.00
C LYS B 302 6.01 -5.51 -15.54
N ILE B 303 6.04 -4.84 -14.41
CA ILE B 303 7.26 -4.31 -13.82
C ILE B 303 7.56 -5.07 -12.52
N LEU B 304 8.84 -5.34 -12.28
CA LEU B 304 9.32 -5.90 -11.03
C LEU B 304 10.11 -4.82 -10.28
N PHE B 305 9.70 -4.52 -9.06
CA PHE B 305 10.42 -3.58 -8.21
C PHE B 305 11.22 -4.38 -7.20
N VAL B 306 12.39 -3.86 -6.85
CA VAL B 306 13.34 -4.55 -5.99
C VAL B 306 13.79 -3.60 -4.89
N GLU B 307 13.84 -4.09 -3.66
CA GLU B 307 14.46 -3.39 -2.56
C GLU B 307 15.59 -4.26 -2.02
N CYS B 308 16.76 -3.66 -1.79
CA CYS B 308 17.96 -4.35 -1.34
C CYS B 308 18.42 -3.79 -0.01
N LYS B 309 18.79 -4.67 0.91
CA LYS B 309 19.38 -4.32 2.19
C LYS B 309 20.33 -5.44 2.55
N SER B 310 21.38 -5.11 3.30
CA SER B 310 22.21 -6.18 3.85
C SER B 310 21.43 -7.01 4.86
N HIS B 311 20.68 -6.35 5.73
CA HIS B 311 19.77 -6.98 6.66
C HIS B 311 18.68 -5.96 7.00
N ILE B 312 17.50 -6.47 7.31
CA ILE B 312 16.38 -5.64 7.72
C ILE B 312 16.57 -5.23 9.17
N THR B 313 16.53 -3.92 9.43
CA THR B 313 16.57 -3.42 10.80
C THR B 313 15.21 -2.95 11.26
N ASN B 314 14.51 -2.14 10.46
CA ASN B 314 13.16 -1.68 10.74
C ASN B 314 12.20 -2.37 9.77
N ILE B 315 11.44 -3.33 10.28
CA ILE B 315 10.59 -4.16 9.43
C ILE B 315 9.46 -3.38 8.77
N THR B 316 9.16 -2.17 9.24
CA THR B 316 8.15 -1.38 8.55
C THR B 316 8.70 -0.74 7.26
N ASP B 317 9.97 -0.97 6.96
CA ASP B 317 10.47 -0.73 5.61
C ASP B 317 9.72 -1.56 4.56
N ILE B 318 9.19 -2.72 4.95
CA ILE B 318 8.36 -3.53 4.06
C ILE B 318 7.07 -2.79 3.67
N ASP B 319 6.47 -2.08 4.63
CA ASP B 319 5.29 -1.28 4.31
C ASP B 319 5.63 -0.17 3.34
N LYS B 320 6.72 0.57 3.59
CA LYS B 320 7.12 1.67 2.71
C LYS B 320 7.33 1.19 1.30
N PHE B 321 8.09 0.10 1.15
CA PHE B 321 8.40 -0.47 -0.17
C PHE B 321 7.12 -0.78 -0.95
N LYS B 322 6.17 -1.47 -0.32
CA LYS B 322 4.99 -1.97 -1.01
C LYS B 322 4.12 -0.82 -1.50
N ASN B 323 3.91 0.20 -0.66
CA ASN B 323 3.14 1.34 -1.11
C ASN B 323 3.82 2.06 -2.28
N ALA B 324 5.15 2.13 -2.29
CA ALA B 324 5.83 2.76 -3.43
C ALA B 324 5.58 1.98 -4.72
N VAL B 325 5.61 0.65 -4.64
CA VAL B 325 5.30 -0.19 -5.80
C VAL B 325 3.90 0.14 -6.33
N LYS B 326 2.90 0.16 -5.44
CA LYS B 326 1.53 0.48 -5.86
C LYS B 326 1.45 1.89 -6.46
N VAL B 327 2.11 2.87 -5.85
CA VAL B 327 2.02 4.25 -6.32
C VAL B 327 2.62 4.39 -7.72
N TYR B 328 3.81 3.85 -7.92
CA TYR B 328 4.53 4.13 -9.17
C TYR B 328 4.20 3.16 -10.30
N GLY B 329 3.98 1.88 -10.01
CA GLY B 329 3.79 0.89 -11.06
C GLY B 329 2.38 0.36 -11.19
N GLY B 330 1.62 0.35 -10.09
CA GLY B 330 0.24 -0.09 -10.08
C GLY B 330 0.08 -1.44 -9.40
N SER B 331 -1.14 -1.94 -9.46
CA SER B 331 -1.47 -3.17 -8.73
C SER B 331 -1.00 -4.43 -9.44
N GLY B 332 -0.48 -4.32 -10.67
CA GLY B 332 -0.07 -5.47 -11.47
C GLY B 332 1.40 -5.80 -11.40
N CYS B 333 2.16 -5.08 -10.59
CA CYS B 333 3.59 -5.25 -10.44
C CYS B 333 3.95 -6.37 -9.48
N LYS B 334 5.18 -6.82 -9.59
CA LYS B 334 5.79 -7.72 -8.64
C LYS B 334 6.80 -6.93 -7.79
N ALA B 335 7.03 -7.40 -6.58
CA ALA B 335 7.87 -6.72 -5.60
C ALA B 335 8.75 -7.74 -4.91
N LEU B 336 10.05 -7.47 -4.91
CA LEU B 336 11.06 -8.38 -4.39
C LEU B 336 11.87 -7.66 -3.34
N PHE B 337 11.98 -8.25 -2.15
CA PHE B 337 12.80 -7.71 -1.08
C PHE B 337 13.96 -8.69 -0.83
N THR B 338 15.16 -8.32 -1.29
CA THR B 338 16.36 -9.15 -1.15
C THR B 338 17.25 -8.63 -0.02
N THR B 339 17.78 -9.56 0.78
CA THR B 339 18.78 -9.23 1.79
C THR B 339 19.97 -10.17 1.65
N ILE B 340 21.06 -9.81 2.35
CA ILE B 340 22.14 -10.77 2.59
C ILE B 340 21.76 -11.71 3.73
N ASP B 341 21.34 -11.14 4.88
CA ASP B 341 21.18 -11.89 6.11
C ASP B 341 19.79 -12.51 6.22
N PRO B 342 19.63 -13.55 7.06
CA PRO B 342 18.31 -14.15 7.24
C PRO B 342 17.25 -13.11 7.54
N ILE B 343 16.11 -13.26 6.87
CA ILE B 343 14.94 -12.44 7.10
C ILE B 343 14.14 -13.10 8.22
N ARG B 344 13.94 -12.40 9.32
CA ARG B 344 13.33 -12.98 10.51
C ARG B 344 11.83 -13.20 10.31
N ASN B 345 11.24 -13.93 11.26
CA ASN B 345 9.85 -14.37 11.15
C ASN B 345 8.88 -13.20 11.09
N ASP B 346 9.18 -12.10 11.80
CA ASP B 346 8.25 -10.98 11.79
C ASP B 346 8.28 -10.28 10.44
N ALA B 347 9.49 -10.12 9.87
CA ALA B 347 9.65 -9.58 8.53
C ALA B 347 8.96 -10.48 7.49
N LEU B 348 9.11 -11.81 7.62
CA LEU B 348 8.48 -12.73 6.68
C LEU B 348 6.95 -12.63 6.76
N GLU B 349 6.38 -12.49 7.97
CA GLU B 349 4.94 -12.31 8.08
C GLU B 349 4.51 -11.02 7.37
N LYS B 350 5.28 -9.95 7.52
CA LYS B 350 4.90 -8.69 6.90
C LYS B 350 4.99 -8.78 5.38
N CYS B 351 5.99 -9.53 4.88
CA CYS B 351 6.08 -9.73 3.44
C CYS B 351 4.86 -10.47 2.92
N ARG B 352 4.35 -11.44 3.71
CA ARG B 352 3.11 -12.14 3.39
C ARG B 352 1.93 -11.19 3.38
N ASP B 353 1.79 -10.37 4.44
CA ASP B 353 0.75 -9.34 4.49
C ASP B 353 0.71 -8.54 3.19
N SER B 354 1.88 -8.21 2.65
CA SER B 354 1.99 -7.22 1.59
C SER B 354 2.21 -7.84 0.22
N ASN B 355 2.13 -9.17 0.11
CA ASN B 355 2.39 -9.87 -1.14
C ASN B 355 3.75 -9.48 -1.72
N ILE B 356 4.76 -9.50 -0.87
CA ILE B 356 6.12 -9.21 -1.30
C ILE B 356 6.90 -10.52 -1.28
N ILE B 357 7.72 -10.73 -2.31
CA ILE B 357 8.59 -11.90 -2.41
C ILE B 357 9.84 -11.64 -1.57
N PRO B 358 10.08 -12.40 -0.50
CA PRO B 358 11.32 -12.25 0.26
C PRO B 358 12.41 -13.15 -0.30
N PHE B 359 13.66 -12.69 -0.17
CA PHE B 359 14.77 -13.51 -0.65
C PHE B 359 16.04 -13.21 0.13
N CYS B 360 16.57 -14.23 0.79
CA CYS B 360 17.80 -14.13 1.58
C CYS B 360 18.93 -14.81 0.82
N ILE B 361 19.98 -14.04 0.47
CA ILE B 361 21.08 -14.59 -0.35
C ILE B 361 21.84 -15.67 0.42
N GLU B 362 22.16 -15.39 1.67
CA GLU B 362 22.91 -16.35 2.48
C GLU B 362 22.22 -17.71 2.55
N LYS B 363 20.91 -17.73 2.77
CA LYS B 363 20.15 -18.99 2.89
C LYS B 363 19.82 -19.62 1.56
N ASN B 364 20.19 -18.99 0.45
CA ASN B 364 19.87 -19.49 -0.88
C ASN B 364 21.11 -19.76 -1.72
N GLY B 365 22.22 -20.11 -1.08
CA GLY B 365 23.40 -20.53 -1.81
C GLY B 365 24.56 -19.55 -1.78
N GLY B 366 24.42 -18.41 -1.08
CA GLY B 366 25.52 -17.47 -0.98
C GLY B 366 25.69 -16.67 -2.25
N ILE B 367 26.63 -15.71 -2.17
CA ILE B 367 26.81 -14.67 -3.18
C ILE B 367 27.16 -15.23 -4.55
N ASN B 368 27.66 -16.47 -4.64
CA ASN B 368 28.06 -17.02 -5.93
C ASN B 368 27.07 -18.04 -6.49
N ASN B 369 26.07 -18.47 -5.73
CA ASN B 369 25.24 -19.58 -6.19
C ASN B 369 23.77 -19.41 -5.83
N TYR B 370 23.28 -18.17 -5.75
CA TYR B 370 21.88 -17.89 -5.44
C TYR B 370 21.03 -17.65 -6.67
N LYS B 371 21.65 -17.48 -7.84
CA LYS B 371 20.92 -17.09 -9.05
C LYS B 371 19.77 -18.04 -9.36
N SER B 372 20.05 -19.34 -9.37
CA SER B 372 19.06 -20.32 -9.79
C SER B 372 17.84 -20.31 -8.87
N ASN B 373 18.06 -20.31 -7.56
CA ASN B 373 16.94 -20.23 -6.62
C ASN B 373 16.16 -18.94 -6.80
N LEU B 374 16.85 -17.84 -7.09
CA LEU B 374 16.16 -16.56 -7.23
C LEU B 374 15.32 -16.53 -8.51
N PHE B 375 15.85 -17.08 -9.61
CA PHE B 375 15.06 -17.13 -10.83
C PHE B 375 13.88 -18.09 -10.67
N GLU B 376 14.06 -19.18 -9.90
CA GLU B 376 12.99 -20.13 -9.66
C GLU B 376 11.82 -19.49 -8.92
N ILE B 377 12.13 -18.68 -7.89
CA ILE B 377 11.05 -18.08 -7.11
C ILE B 377 10.32 -17.02 -7.92
N LEU B 378 11.04 -16.28 -8.76
CA LEU B 378 10.38 -15.25 -9.57
C LEU B 378 9.53 -15.89 -10.65
N GLU B 379 10.00 -16.99 -11.22
CA GLU B 379 9.28 -17.58 -12.35
C GLU B 379 7.96 -18.21 -11.90
N LYS B 380 7.87 -18.66 -10.64
CA LYS B 380 6.59 -19.17 -10.13
C LYS B 380 5.56 -18.05 -9.99
N GLU B 381 6.03 -16.85 -9.62
CA GLU B 381 5.15 -15.73 -9.30
C GLU B 381 4.79 -14.89 -10.50
N ILE B 382 5.56 -14.98 -11.58
CA ILE B 382 5.53 -13.98 -12.63
C ILE B 382 4.20 -13.98 -13.37
N LEU B 383 3.57 -15.14 -13.52
CA LEU B 383 2.33 -15.25 -14.29
C LEU B 383 1.07 -15.15 -13.41
N ASN B 384 1.21 -15.00 -12.10
CA ASN B 384 0.04 -14.93 -11.23
C ASN B 384 -0.58 -13.54 -11.25
N ILE B 385 -1.92 -13.49 -11.15
CA ILE B 385 -2.68 -12.24 -11.08
C ILE B 385 -2.75 -11.82 -9.61
N ASN B 386 -2.33 -10.57 -9.31
CA ASN B 386 -2.35 -10.07 -7.94
C ASN B 386 -3.79 -9.73 -7.53
N PRO B 387 -4.27 -10.22 -6.38
CA PRO B 387 -5.54 -9.73 -5.84
C PRO B 387 -5.47 -8.36 -5.13
#